data_3B46
#
_entry.id   3B46
#
_cell.length_a   55.780
_cell.length_b   66.520
_cell.length_c   115.200
_cell.angle_alpha   90.00
_cell.angle_beta   90.75
_cell.angle_gamma   90.00
#
_symmetry.space_group_name_H-M   'P 1 21 1'
#
loop_
_entity.id
_entity.type
_entity.pdbx_description
1 polymer 'Aminotransferase BNA3'
2 water water
#
_entity_poly.entity_id   1
_entity_poly.type   'polypeptide(L)'
_entity_poly.pdbx_seq_one_letter_code
;AGHMKQRFIRQFTNLMSTSRPKVVANKYFTSNTAKDVWSLTNEAAAKAANNSKNQGRELINLGQGFFSYSPPQFAIKEAQ
KALDIPMVNQYSPTRGRPSLINSLIKLYSPIYNTELKAENVTVTTGANEGILSCLMGLLNAGDEVIVFEPFFDQYIPNIE
LCGGKVVYVPINPPKELDQRNTRGEEWTIDFEQFEKAITSKTKAVIINTPHNPIGKVFTREELTTLGNICVKHNVVIISD
EVYEHLYFTDSFTRIATLSPEIGQLTLTVGSAG(LLP)SFAATGWRIGWVLSLNAELLSYAAKAHTRICFASPSPLQEAC
ANSINDALKIGYFEKMRQEYINKFKIFTSIFDELGLPYTAPEGTYFVLVDFSKVKIPEDYPYPEEILNKGKDFRISHWLI
NELGVVAIPPTEFYIKEHEKAAENLLRFAVCKDDAYLENAVERLKLLKDYL
;
_entity_poly.pdbx_strand_id   A,B
#
# COMPACT_ATOMS: atom_id res chain seq x y z
N PRO A 21 15.98 -22.81 -7.40
CA PRO A 21 15.29 -23.78 -6.53
C PRO A 21 13.81 -23.90 -6.92
N LYS A 22 13.18 -24.99 -6.48
CA LYS A 22 11.78 -25.23 -6.78
C LYS A 22 10.90 -24.76 -5.65
N VAL A 23 10.69 -23.46 -5.56
CA VAL A 23 9.86 -22.93 -4.50
C VAL A 23 8.40 -23.01 -4.90
N VAL A 24 7.56 -23.47 -3.99
CA VAL A 24 6.14 -23.53 -4.27
C VAL A 24 5.64 -22.15 -3.82
N ALA A 25 5.11 -21.37 -4.77
CA ALA A 25 4.58 -20.04 -4.46
C ALA A 25 3.10 -20.13 -4.19
N ASN A 26 2.46 -19.01 -3.89
CA ASN A 26 1.02 -18.98 -3.63
C ASN A 26 0.37 -19.56 -4.89
N LYS A 27 -0.56 -20.49 -4.69
CA LYS A 27 -1.28 -21.14 -5.79
C LYS A 27 -2.11 -20.14 -6.56
N TYR A 28 -2.54 -19.09 -5.86
CA TYR A 28 -3.35 -18.07 -6.49
C TYR A 28 -2.62 -17.41 -7.65
N PHE A 29 -1.31 -17.30 -7.55
CA PHE A 29 -0.52 -16.69 -8.63
C PHE A 29 -0.01 -17.70 -9.65
N THR A 30 0.41 -18.87 -9.18
CA THR A 30 0.91 -19.90 -10.09
C THR A 30 -0.19 -20.55 -10.94
N SER A 31 -1.43 -20.57 -10.44
CA SER A 31 -2.52 -21.19 -11.19
C SER A 31 -3.23 -20.24 -12.16
N ASN A 32 -2.94 -18.94 -12.06
CA ASN A 32 -3.54 -17.93 -12.93
C ASN A 32 -2.41 -17.28 -13.77
N THR A 33 -2.03 -17.99 -14.83
CA THR A 33 -0.93 -17.58 -15.72
C THR A 33 -1.29 -16.77 -16.97
N ALA A 34 -2.57 -16.69 -17.31
CA ALA A 34 -3.02 -15.99 -18.50
C ALA A 34 -2.73 -14.49 -18.57
N LYS A 35 -2.31 -14.06 -19.76
CA LYS A 35 -2.05 -12.64 -19.95
C LYS A 35 -3.41 -11.96 -19.76
N ASP A 36 -3.38 -10.74 -19.23
CA ASP A 36 -4.59 -9.95 -19.02
C ASP A 36 -4.78 -9.02 -20.23
N VAL A 37 -5.84 -8.22 -20.22
CA VAL A 37 -6.11 -7.32 -21.35
C VAL A 37 -5.08 -6.21 -21.59
N TRP A 38 -4.39 -5.75 -20.56
CA TRP A 38 -3.40 -4.69 -20.73
C TRP A 38 -2.17 -5.27 -21.40
N SER A 39 -1.74 -6.40 -20.88
CA SER A 39 -0.59 -7.10 -21.38
C SER A 39 -0.79 -7.49 -22.85
N LEU A 40 -1.97 -7.99 -23.18
CA LEU A 40 -2.26 -8.40 -24.56
C LEU A 40 -2.41 -7.19 -25.48
N THR A 41 -3.07 -6.16 -24.98
CA THR A 41 -3.28 -4.94 -25.75
C THR A 41 -1.97 -4.21 -25.99
N ASN A 42 -1.05 -4.27 -25.03
CA ASN A 42 0.24 -3.61 -25.20
C ASN A 42 1.10 -4.31 -26.23
N GLU A 43 0.99 -5.63 -26.30
CA GLU A 43 1.76 -6.40 -27.28
C GLU A 43 1.28 -6.07 -28.68
N ALA A 44 -0.04 -6.10 -28.88
CA ALA A 44 -0.60 -5.79 -30.19
C ALA A 44 -0.17 -4.41 -30.64
N ALA A 45 -0.35 -3.42 -29.77
CA ALA A 45 0.04 -2.05 -30.04
C ALA A 45 1.49 -2.08 -30.43
N ALA A 46 2.29 -2.71 -29.55
CA ALA A 46 3.75 -2.85 -29.66
C ALA A 46 4.15 -3.12 -31.12
N LYS A 47 3.54 -4.14 -31.67
CA LYS A 47 3.78 -4.63 -33.02
C LYS A 47 3.07 -3.85 -34.15
N ALA A 48 1.83 -3.40 -33.94
CA ALA A 48 1.11 -2.69 -35.00
C ALA A 48 1.83 -1.43 -35.47
N ALA A 49 2.76 -0.92 -34.68
CA ALA A 49 3.49 0.27 -35.07
C ALA A 49 4.38 -0.23 -36.19
N ASN A 50 3.75 -0.73 -37.24
CA ASN A 50 4.43 -1.32 -38.39
C ASN A 50 3.59 -1.32 -39.66
N ASN A 54 0.92 1.39 -40.63
CA ASN A 54 1.00 2.25 -39.45
C ASN A 54 2.28 3.08 -39.40
N GLN A 55 3.23 2.77 -40.27
CA GLN A 55 4.48 3.52 -40.30
C GLN A 55 4.08 4.88 -40.79
N GLY A 56 4.70 5.94 -40.29
CA GLY A 56 4.32 7.25 -40.74
C GLY A 56 3.17 7.75 -39.89
N ARG A 57 2.61 6.85 -39.08
CA ARG A 57 1.50 7.19 -38.23
C ARG A 57 1.90 6.93 -36.79
N GLU A 58 1.33 7.70 -35.86
CA GLU A 58 1.63 7.49 -34.46
C GLU A 58 0.41 6.79 -33.90
N LEU A 59 0.61 5.82 -33.03
CA LEU A 59 -0.54 5.15 -32.47
C LEU A 59 -1.29 6.12 -31.57
N ILE A 60 -2.61 6.06 -31.61
CA ILE A 60 -3.46 6.92 -30.77
C ILE A 60 -4.05 6.00 -29.70
N ASN A 61 -3.64 6.23 -28.47
CA ASN A 61 -4.08 5.40 -27.35
C ASN A 61 -5.20 5.97 -26.50
N LEU A 62 -6.38 5.36 -26.62
CA LEU A 62 -7.54 5.73 -25.84
C LEU A 62 -7.85 4.55 -24.91
N GLY A 63 -6.85 3.68 -24.74
CA GLY A 63 -6.99 2.54 -23.87
C GLY A 63 -6.45 2.79 -22.46
N GLN A 64 -5.67 3.85 -22.28
CA GLN A 64 -5.12 4.16 -20.96
C GLN A 64 -6.18 4.84 -20.10
N GLY A 65 -6.54 4.20 -19.00
CA GLY A 65 -7.55 4.76 -18.11
C GLY A 65 -7.08 5.85 -17.16
N PHE A 66 -5.95 6.50 -17.47
CA PHE A 66 -5.44 7.57 -16.63
C PHE A 66 -5.09 8.80 -17.45
N PHE A 67 -5.12 9.97 -16.81
CA PHE A 67 -4.86 11.24 -17.48
C PHE A 67 -3.50 11.35 -18.15
N SER A 68 -3.46 12.02 -19.30
CA SER A 68 -2.22 12.19 -20.04
C SER A 68 -1.56 13.52 -19.67
N TYR A 69 -2.29 14.34 -18.92
CA TYR A 69 -1.80 15.65 -18.52
C TYR A 69 -1.50 15.78 -17.02
N SER A 70 -1.02 16.96 -16.61
CA SER A 70 -0.67 17.22 -15.20
C SER A 70 -1.83 17.61 -14.27
N PRO A 71 -1.67 17.36 -12.96
CA PRO A 71 -2.72 17.73 -12.01
C PRO A 71 -2.86 19.26 -12.06
N PRO A 72 -3.96 19.82 -11.53
CA PRO A 72 -4.01 21.29 -11.60
C PRO A 72 -2.81 21.88 -10.85
N GLN A 73 -2.31 23.00 -11.35
CA GLN A 73 -1.15 23.62 -10.75
C GLN A 73 -1.29 23.86 -9.23
N PHE A 74 -2.49 24.17 -8.74
CA PHE A 74 -2.61 24.41 -7.31
C PHE A 74 -2.26 23.15 -6.52
N ALA A 75 -2.57 21.99 -7.10
CA ALA A 75 -2.27 20.71 -6.46
C ALA A 75 -0.77 20.52 -6.39
N ILE A 76 -0.11 20.80 -7.51
CA ILE A 76 1.33 20.65 -7.57
C ILE A 76 2.02 21.54 -6.54
N LYS A 77 1.58 22.79 -6.46
CA LYS A 77 2.17 23.73 -5.52
C LYS A 77 1.99 23.30 -4.07
N GLU A 78 0.80 22.83 -3.70
CA GLU A 78 0.58 22.36 -2.33
C GLU A 78 1.52 21.19 -1.98
N ALA A 79 1.79 20.32 -2.95
CA ALA A 79 2.68 19.19 -2.70
C ALA A 79 4.13 19.67 -2.50
N GLN A 80 4.56 20.64 -3.31
CA GLN A 80 5.91 21.18 -3.15
C GLN A 80 6.07 21.89 -1.78
N LYS A 81 5.04 22.61 -1.36
CA LYS A 81 5.07 23.29 -0.05
C LYS A 81 5.16 22.27 1.07
N ALA A 82 4.30 21.28 0.99
CA ALA A 82 4.23 20.22 1.98
C ALA A 82 5.60 19.59 2.24
N LEU A 83 6.38 19.41 1.19
CA LEU A 83 7.71 18.81 1.33
C LEU A 83 8.66 19.67 2.13
N ASP A 84 8.36 20.95 2.25
CA ASP A 84 9.23 21.85 3.00
C ASP A 84 8.98 21.79 4.49
N ILE A 85 7.97 21.03 4.90
CA ILE A 85 7.64 20.88 6.31
C ILE A 85 8.26 19.58 6.81
N PRO A 86 9.37 19.67 7.54
CA PRO A 86 10.12 18.53 8.09
C PRO A 86 9.32 17.25 8.43
N MET A 87 8.44 17.33 9.41
CA MET A 87 7.67 16.16 9.87
C MET A 87 6.65 15.67 8.88
N VAL A 88 6.29 16.50 7.91
CA VAL A 88 5.34 16.08 6.92
C VAL A 88 6.04 15.02 6.05
N ASN A 89 7.35 14.87 6.21
CA ASN A 89 8.09 13.86 5.45
C ASN A 89 8.20 12.57 6.25
N GLN A 90 7.65 12.56 7.46
CA GLN A 90 7.69 11.34 8.28
C GLN A 90 6.31 10.67 8.36
N TYR A 91 6.28 9.46 8.89
CA TYR A 91 5.07 8.65 9.04
C TYR A 91 3.89 9.48 9.52
N SER A 92 2.75 9.29 8.90
CA SER A 92 1.54 9.97 9.35
C SER A 92 0.82 9.01 10.31
N PRO A 93 -0.17 9.51 11.09
CA PRO A 93 -0.91 8.63 12.01
C PRO A 93 -1.53 7.60 11.08
N THR A 94 -1.69 6.36 11.54
CA THR A 94 -2.20 5.29 10.67
C THR A 94 -3.50 5.55 9.92
N ARG A 95 -4.46 6.22 10.57
CA ARG A 95 -5.72 6.51 9.93
C ARG A 95 -5.65 7.77 9.07
N GLY A 96 -4.51 8.45 9.06
CA GLY A 96 -4.39 9.64 8.24
C GLY A 96 -3.92 10.88 8.98
N ARG A 97 -3.51 11.90 8.22
CA ARG A 97 -3.09 13.14 8.82
C ARG A 97 -4.34 13.91 9.24
N PRO A 98 -4.34 14.47 10.45
CA PRO A 98 -5.52 15.21 10.89
C PRO A 98 -5.94 16.26 9.86
N SER A 99 -4.95 16.93 9.26
CA SER A 99 -5.26 17.95 8.26
C SER A 99 -6.12 17.41 7.14
N LEU A 100 -5.80 16.20 6.65
CA LEU A 100 -6.57 15.63 5.56
C LEU A 100 -7.92 15.11 6.06
N ILE A 101 -7.94 14.49 7.23
CA ILE A 101 -9.17 13.99 7.79
C ILE A 101 -10.10 15.19 8.01
N ASN A 102 -9.50 16.33 8.37
CA ASN A 102 -10.28 17.54 8.57
C ASN A 102 -10.80 18.14 7.26
N SER A 103 -9.99 18.10 6.20
CA SER A 103 -10.47 18.64 4.93
C SER A 103 -11.60 17.75 4.42
N LEU A 104 -11.54 16.46 4.72
CA LEU A 104 -12.58 15.56 4.26
C LEU A 104 -13.84 15.75 5.12
N ILE A 105 -13.67 15.95 6.41
CA ILE A 105 -14.83 16.20 7.29
C ILE A 105 -15.58 17.41 6.75
N LYS A 106 -14.83 18.47 6.49
CA LYS A 106 -15.39 19.73 5.96
C LYS A 106 -16.12 19.52 4.65
N LEU A 107 -15.48 18.78 3.74
CA LEU A 107 -16.03 18.50 2.42
C LEU A 107 -17.26 17.59 2.41
N TYR A 108 -17.26 16.51 3.19
CA TYR A 108 -18.39 15.59 3.17
C TYR A 108 -19.50 15.84 4.19
N SER A 109 -19.24 16.61 5.23
CA SER A 109 -20.29 16.85 6.22
C SER A 109 -21.58 17.42 5.59
N PRO A 110 -21.46 18.39 4.66
CA PRO A 110 -22.66 18.96 4.03
C PRO A 110 -23.40 17.92 3.16
N ILE A 111 -22.62 17.09 2.48
CA ILE A 111 -23.12 16.02 1.61
C ILE A 111 -23.89 14.98 2.40
N TYR A 112 -23.28 14.49 3.47
CA TYR A 112 -23.96 13.58 4.36
C TYR A 112 -24.64 14.70 5.13
N ASN A 113 -25.59 14.42 5.99
CA ASN A 113 -26.14 15.55 6.72
C ASN A 113 -25.80 15.31 8.17
N THR A 114 -24.52 15.07 8.40
CA THR A 114 -23.97 14.77 9.70
C THR A 114 -22.71 15.57 10.01
N GLU A 115 -22.52 15.89 11.27
CA GLU A 115 -21.33 16.59 11.70
C GLU A 115 -20.28 15.48 11.88
N LEU A 116 -19.78 14.97 10.75
CA LEU A 116 -18.78 13.90 10.73
C LEU A 116 -17.57 14.18 11.59
N LYS A 117 -17.06 13.12 12.21
CA LYS A 117 -15.90 13.20 13.07
C LYS A 117 -14.79 12.32 12.47
N ALA A 118 -13.62 12.31 13.12
CA ALA A 118 -12.46 11.54 12.67
C ALA A 118 -12.80 10.07 12.57
N GLU A 119 -13.65 9.60 13.47
CA GLU A 119 -14.08 8.21 13.50
C GLU A 119 -14.87 7.80 12.28
N ASN A 120 -15.36 8.76 11.51
CA ASN A 120 -16.11 8.43 10.31
C ASN A 120 -15.23 8.49 9.06
N VAL A 121 -13.96 8.80 9.24
CA VAL A 121 -13.05 8.92 8.08
C VAL A 121 -11.75 8.15 8.25
N THR A 122 -11.22 7.65 7.15
CA THR A 122 -9.95 6.95 7.22
C THR A 122 -9.31 7.07 5.83
N VAL A 123 -8.04 7.40 5.85
CA VAL A 123 -7.24 7.62 4.64
C VAL A 123 -6.50 6.35 4.24
N THR A 124 -6.53 6.02 2.96
CA THR A 124 -5.86 4.82 2.48
C THR A 124 -4.92 5.16 1.31
N THR A 125 -4.07 4.21 0.94
CA THR A 125 -3.11 4.46 -0.12
C THR A 125 -3.75 4.22 -1.47
N GLY A 126 -4.66 5.13 -1.80
CA GLY A 126 -5.41 5.04 -3.03
C GLY A 126 -6.72 4.34 -2.74
N ALA A 127 -7.66 4.47 -3.68
CA ALA A 127 -8.96 3.82 -3.54
C ALA A 127 -8.84 2.29 -3.63
N ASN A 128 -7.96 1.78 -4.51
CA ASN A 128 -7.82 0.34 -4.63
C ASN A 128 -7.39 -0.33 -3.36
N GLU A 129 -6.36 0.19 -2.71
CA GLU A 129 -5.94 -0.45 -1.47
C GLU A 129 -6.96 -0.10 -0.34
N GLY A 130 -7.74 0.95 -0.54
CA GLY A 130 -8.76 1.29 0.44
C GLY A 130 -9.87 0.25 0.38
N ILE A 131 -10.19 -0.21 -0.83
CA ILE A 131 -11.21 -1.24 -1.04
C ILE A 131 -10.71 -2.57 -0.50
N LEU A 132 -9.44 -2.85 -0.77
CA LEU A 132 -8.82 -4.08 -0.28
C LEU A 132 -8.85 -4.06 1.25
N SER A 133 -8.64 -2.89 1.85
CA SER A 133 -8.64 -2.75 3.31
C SER A 133 -10.05 -3.02 3.85
N CYS A 134 -11.06 -2.63 3.08
CA CYS A 134 -12.44 -2.89 3.48
C CYS A 134 -12.71 -4.38 3.44
N LEU A 135 -12.28 -5.04 2.37
CA LEU A 135 -12.47 -6.47 2.20
C LEU A 135 -11.73 -7.30 3.23
N MET A 136 -10.50 -6.89 3.55
CA MET A 136 -9.69 -7.63 4.52
C MET A 136 -10.20 -7.49 5.94
N GLY A 137 -10.75 -6.34 6.28
CA GLY A 137 -11.26 -6.14 7.61
C GLY A 137 -12.58 -6.86 7.85
N LEU A 138 -13.29 -7.21 6.78
CA LEU A 138 -14.59 -7.87 6.92
C LEU A 138 -14.71 -9.35 6.57
N LEU A 139 -13.84 -9.87 5.70
CA LEU A 139 -13.93 -11.25 5.25
C LEU A 139 -13.31 -12.41 6.04
N ASN A 140 -14.03 -13.52 6.08
CA ASN A 140 -13.55 -14.75 6.72
C ASN A 140 -13.56 -15.82 5.63
N ALA A 141 -12.63 -16.77 5.68
CA ALA A 141 -12.55 -17.81 4.67
C ALA A 141 -13.96 -18.31 4.37
N GLY A 142 -14.28 -18.44 3.08
CA GLY A 142 -15.61 -18.92 2.70
C GLY A 142 -16.60 -17.80 2.38
N ASP A 143 -16.49 -16.68 3.08
CA ASP A 143 -17.37 -15.53 2.85
C ASP A 143 -17.58 -15.26 1.36
N GLU A 144 -18.74 -14.69 1.03
CA GLU A 144 -19.08 -14.34 -0.34
C GLU A 144 -19.18 -12.83 -0.53
N VAL A 145 -18.79 -12.36 -1.71
CA VAL A 145 -18.85 -10.95 -2.06
C VAL A 145 -19.40 -10.87 -3.47
N ILE A 146 -20.45 -10.07 -3.66
CA ILE A 146 -21.04 -9.91 -4.97
C ILE A 146 -20.49 -8.69 -5.66
N VAL A 147 -20.21 -8.82 -6.95
CA VAL A 147 -19.71 -7.72 -7.75
C VAL A 147 -20.55 -7.67 -9.01
N PHE A 148 -20.74 -6.47 -9.56
CA PHE A 148 -21.53 -6.29 -10.77
C PHE A 148 -20.64 -6.24 -12.02
N GLU A 149 -21.07 -6.92 -13.08
CA GLU A 149 -20.33 -6.93 -14.34
C GLU A 149 -20.88 -5.81 -15.23
N PRO A 150 -20.01 -5.10 -15.99
CA PRO A 150 -18.56 -5.25 -16.09
C PRO A 150 -17.99 -4.73 -14.79
N PHE A 151 -17.10 -5.50 -14.17
CA PHE A 151 -16.51 -5.10 -12.89
C PHE A 151 -15.13 -4.48 -13.04
N PHE A 152 -14.65 -3.87 -11.95
CA PHE A 152 -13.32 -3.26 -11.93
C PHE A 152 -12.36 -4.44 -11.69
N ASP A 153 -11.40 -4.58 -12.58
CA ASP A 153 -10.44 -5.70 -12.49
C ASP A 153 -9.88 -5.99 -11.09
N GLN A 154 -9.46 -4.96 -10.37
CA GLN A 154 -8.87 -5.16 -9.04
C GLN A 154 -9.80 -5.81 -8.03
N TYR A 155 -11.11 -5.71 -8.24
CA TYR A 155 -12.06 -6.29 -7.30
C TYR A 155 -11.87 -7.78 -7.06
N ILE A 156 -11.63 -8.51 -8.14
CA ILE A 156 -11.49 -9.95 -8.07
C ILE A 156 -10.35 -10.45 -7.19
N PRO A 157 -9.11 -10.02 -7.45
CA PRO A 157 -8.03 -10.51 -6.59
C PRO A 157 -8.16 -9.99 -5.14
N ASN A 158 -8.65 -8.77 -4.98
CA ASN A 158 -8.81 -8.19 -3.65
C ASN A 158 -9.72 -9.07 -2.81
N ILE A 159 -10.82 -9.48 -3.39
CA ILE A 159 -11.75 -10.34 -2.69
C ILE A 159 -11.15 -11.72 -2.46
N GLU A 160 -10.66 -12.34 -3.52
CA GLU A 160 -10.12 -13.68 -3.39
C GLU A 160 -8.86 -13.77 -2.55
N LEU A 161 -8.02 -12.74 -2.59
CA LEU A 161 -6.81 -12.76 -1.80
C LEU A 161 -7.11 -12.67 -0.30
N CYS A 162 -8.33 -12.26 0.01
CA CYS A 162 -8.79 -12.15 1.41
C CYS A 162 -9.63 -13.36 1.79
N GLY A 163 -9.39 -14.48 1.12
CA GLY A 163 -10.14 -15.68 1.38
C GLY A 163 -11.60 -15.61 0.92
N GLY A 164 -11.97 -14.59 0.15
CA GLY A 164 -13.35 -14.48 -0.30
C GLY A 164 -13.73 -15.20 -1.60
N LYS A 165 -15.02 -15.40 -1.78
CA LYS A 165 -15.57 -16.04 -2.99
C LYS A 165 -16.41 -14.98 -3.71
N VAL A 166 -16.13 -14.75 -4.98
CA VAL A 166 -16.85 -13.74 -5.74
C VAL A 166 -18.15 -14.21 -6.40
N VAL A 167 -19.21 -13.43 -6.24
CA VAL A 167 -20.50 -13.77 -6.85
C VAL A 167 -20.83 -12.69 -7.89
N TYR A 168 -21.10 -13.12 -9.11
CA TYR A 168 -21.36 -12.20 -10.22
C TYR A 168 -22.77 -12.01 -10.77
N VAL A 169 -23.39 -10.85 -10.50
CA VAL A 169 -24.71 -10.55 -11.07
C VAL A 169 -24.49 -9.36 -12.02
N PRO A 170 -24.80 -9.55 -13.31
CA PRO A 170 -24.64 -8.53 -14.34
C PRO A 170 -25.47 -7.25 -14.31
N ILE A 171 -24.91 -6.24 -14.99
CA ILE A 171 -25.53 -4.93 -15.18
C ILE A 171 -25.93 -5.11 -16.65
N ASN A 172 -27.16 -5.57 -16.83
CA ASN A 172 -27.71 -5.86 -18.15
C ASN A 172 -27.80 -4.69 -19.11
N PRO A 173 -27.33 -4.90 -20.34
CA PRO A 173 -27.33 -3.90 -21.42
C PRO A 173 -28.76 -3.57 -21.84
N PRO A 174 -28.92 -2.58 -22.72
CA PRO A 174 -30.31 -2.32 -23.10
C PRO A 174 -30.53 -3.23 -24.32
N LYS A 175 -31.70 -3.86 -24.44
CA LYS A 175 -31.93 -4.71 -25.60
C LYS A 175 -31.57 -3.91 -26.87
N GLU A 176 -31.88 -2.62 -26.82
CA GLU A 176 -31.65 -1.66 -27.90
C GLU A 176 -30.19 -1.27 -28.07
N LEU A 177 -29.33 -1.83 -27.22
CA LEU A 177 -27.89 -1.54 -27.21
C LEU A 177 -27.20 -1.26 -28.55
N ASP A 178 -27.50 -2.05 -29.58
CA ASP A 178 -26.81 -1.81 -30.84
C ASP A 178 -27.59 -1.34 -32.06
N GLN A 179 -28.51 -0.40 -31.87
CA GLN A 179 -29.28 0.14 -32.99
C GLN A 179 -29.35 1.67 -32.86
N ARG A 180 -29.31 2.16 -31.63
CA ARG A 180 -29.37 3.59 -31.34
C ARG A 180 -28.47 3.88 -30.14
N ASN A 181 -28.19 5.16 -29.89
CA ASN A 181 -27.37 5.53 -28.75
C ASN A 181 -28.19 5.27 -27.50
N THR A 182 -27.55 4.68 -26.50
CA THR A 182 -28.23 4.37 -25.25
C THR A 182 -27.83 5.30 -24.10
N ARG A 183 -28.59 5.22 -23.01
CA ARG A 183 -28.34 6.04 -21.84
C ARG A 183 -27.78 5.18 -20.71
N GLY A 184 -27.48 5.84 -19.60
CA GLY A 184 -26.96 5.11 -18.46
C GLY A 184 -28.06 4.31 -17.80
N GLU A 185 -29.15 4.96 -17.40
CA GLU A 185 -30.24 4.26 -16.74
C GLU A 185 -30.86 3.13 -17.55
N GLU A 186 -30.33 2.88 -18.75
CA GLU A 186 -30.82 1.81 -19.61
C GLU A 186 -30.08 0.50 -19.38
N TRP A 187 -28.97 0.57 -18.65
CA TRP A 187 -28.21 -0.61 -18.28
C TRP A 187 -28.78 -0.83 -16.90
N THR A 188 -29.30 -2.01 -16.59
CA THR A 188 -29.89 -2.21 -15.27
C THR A 188 -29.55 -3.51 -14.58
N ILE A 189 -29.70 -3.50 -13.26
CA ILE A 189 -29.44 -4.70 -12.46
C ILE A 189 -30.77 -5.37 -12.17
N ASP A 190 -30.80 -6.69 -12.28
CA ASP A 190 -32.02 -7.43 -11.99
C ASP A 190 -32.10 -7.65 -10.48
N PHE A 191 -32.56 -6.63 -9.76
CA PHE A 191 -32.65 -6.70 -8.30
C PHE A 191 -33.39 -7.89 -7.73
N GLU A 192 -34.05 -8.65 -8.61
CA GLU A 192 -34.72 -9.86 -8.17
C GLU A 192 -33.56 -10.84 -8.18
N GLN A 193 -32.90 -10.93 -9.33
CA GLN A 193 -31.75 -11.81 -9.50
C GLN A 193 -30.64 -11.50 -8.52
N PHE A 194 -30.57 -10.24 -8.11
CA PHE A 194 -29.56 -9.81 -7.17
C PHE A 194 -29.91 -10.29 -5.76
N GLU A 195 -31.16 -10.11 -5.36
CA GLU A 195 -31.58 -10.54 -4.04
C GLU A 195 -31.51 -12.07 -3.94
N LYS A 196 -31.42 -12.72 -5.09
CA LYS A 196 -31.35 -14.19 -5.15
C LYS A 196 -29.93 -14.74 -5.12
N ALA A 197 -28.94 -13.85 -5.19
CA ALA A 197 -27.53 -14.26 -5.15
C ALA A 197 -27.05 -14.10 -3.72
N ILE A 198 -27.84 -13.38 -2.92
CA ILE A 198 -27.53 -13.16 -1.52
C ILE A 198 -27.81 -14.44 -0.75
N THR A 199 -26.88 -14.84 0.09
CA THR A 199 -27.04 -16.06 0.88
C THR A 199 -26.67 -15.80 2.33
N SER A 200 -26.46 -16.88 3.08
CA SER A 200 -26.07 -16.73 4.47
C SER A 200 -24.55 -16.53 4.52
N LYS A 201 -23.89 -16.77 3.39
CA LYS A 201 -22.44 -16.60 3.28
C LYS A 201 -22.07 -15.24 2.66
N THR A 202 -23.07 -14.42 2.35
CA THR A 202 -22.83 -13.12 1.72
C THR A 202 -22.44 -12.03 2.69
N LYS A 203 -21.17 -11.62 2.64
CA LYS A 203 -20.70 -10.58 3.54
C LYS A 203 -20.88 -9.16 2.98
N ALA A 204 -20.75 -9.01 1.67
CA ALA A 204 -20.89 -7.68 1.11
C ALA A 204 -21.08 -7.65 -0.39
N VAL A 205 -21.34 -6.46 -0.90
CA VAL A 205 -21.55 -6.23 -2.32
C VAL A 205 -20.73 -4.99 -2.70
N ILE A 206 -20.07 -5.03 -3.86
CA ILE A 206 -19.32 -3.85 -4.28
C ILE A 206 -20.13 -3.14 -5.35
N ILE A 207 -20.45 -1.88 -5.11
CA ILE A 207 -21.22 -1.09 -6.06
C ILE A 207 -20.34 0.07 -6.54
N ASN A 208 -20.21 0.20 -7.86
CA ASN A 208 -19.36 1.22 -8.49
C ASN A 208 -20.15 2.31 -9.24
N THR A 209 -20.21 3.51 -8.67
CA THR A 209 -20.93 4.60 -9.30
C THR A 209 -20.22 5.93 -9.07
N PRO A 210 -19.96 6.70 -10.14
CA PRO A 210 -20.23 6.43 -11.55
C PRO A 210 -19.46 5.18 -11.97
N HIS A 211 -20.09 4.34 -12.78
CA HIS A 211 -19.52 3.07 -13.19
C HIS A 211 -18.46 3.05 -14.27
N ASN A 212 -17.40 2.30 -13.98
CA ASN A 212 -16.30 2.07 -14.89
C ASN A 212 -16.56 0.65 -15.42
N PRO A 213 -16.70 0.46 -16.75
CA PRO A 213 -16.65 1.35 -17.91
C PRO A 213 -17.95 1.91 -18.51
N ILE A 214 -19.10 1.53 -17.98
CA ILE A 214 -20.37 2.02 -18.53
C ILE A 214 -20.58 3.53 -18.46
N GLY A 215 -19.98 4.17 -17.47
CA GLY A 215 -20.16 5.60 -17.34
C GLY A 215 -21.51 5.86 -16.69
N LYS A 216 -22.22 4.77 -16.40
CA LYS A 216 -23.54 4.85 -15.77
C LYS A 216 -23.53 5.42 -14.36
N VAL A 217 -24.46 6.34 -14.09
CA VAL A 217 -24.58 6.94 -12.77
C VAL A 217 -25.84 6.35 -12.14
N PHE A 218 -25.68 5.38 -11.25
CA PHE A 218 -26.82 4.75 -10.62
C PHE A 218 -27.77 5.78 -10.00
N THR A 219 -29.05 5.64 -10.30
CA THR A 219 -30.08 6.55 -9.83
C THR A 219 -30.39 6.40 -8.35
N ARG A 220 -31.06 7.40 -7.81
CA ARG A 220 -31.44 7.38 -6.41
C ARG A 220 -32.38 6.21 -6.12
N GLU A 221 -33.10 5.75 -7.13
CA GLU A 221 -34.02 4.64 -6.90
C GLU A 221 -33.36 3.30 -7.20
N GLU A 222 -32.44 3.27 -8.16
CA GLU A 222 -31.72 2.05 -8.45
C GLU A 222 -30.90 1.79 -7.20
N LEU A 223 -30.38 2.87 -6.64
CA LEU A 223 -29.57 2.78 -5.43
C LEU A 223 -30.44 2.56 -4.20
N THR A 224 -31.62 3.19 -4.18
CA THR A 224 -32.51 3.04 -3.03
C THR A 224 -32.93 1.59 -2.87
N THR A 225 -33.26 0.93 -3.97
CA THR A 225 -33.67 -0.45 -3.84
C THR A 225 -32.52 -1.28 -3.25
N LEU A 226 -31.33 -1.19 -3.86
CA LEU A 226 -30.15 -1.92 -3.36
C LEU A 226 -29.95 -1.67 -1.88
N GLY A 227 -29.89 -0.40 -1.52
CA GLY A 227 -29.70 -0.03 -0.13
C GLY A 227 -30.59 -0.79 0.83
N ASN A 228 -31.90 -0.73 0.59
CA ASN A 228 -32.86 -1.42 1.44
C ASN A 228 -32.75 -2.93 1.41
N ILE A 229 -32.41 -3.49 0.25
CA ILE A 229 -32.25 -4.94 0.17
C ILE A 229 -31.16 -5.36 1.14
N CYS A 230 -30.01 -4.69 1.03
CA CYS A 230 -28.87 -4.98 1.89
C CYS A 230 -29.14 -4.78 3.39
N VAL A 231 -29.93 -3.78 3.78
CA VAL A 231 -30.20 -3.60 5.21
C VAL A 231 -31.10 -4.74 5.66
N LYS A 232 -31.95 -5.21 4.74
CA LYS A 232 -32.85 -6.32 5.01
C LYS A 232 -32.04 -7.60 5.19
N HIS A 233 -31.02 -7.77 4.35
CA HIS A 233 -30.15 -8.96 4.42
C HIS A 233 -28.83 -8.73 5.18
N ASN A 234 -28.74 -7.57 5.83
CA ASN A 234 -27.57 -7.17 6.63
C ASN A 234 -26.26 -7.37 5.86
N VAL A 235 -26.24 -6.87 4.62
CA VAL A 235 -25.06 -6.98 3.76
C VAL A 235 -24.36 -5.63 3.63
N VAL A 236 -23.08 -5.62 3.95
CA VAL A 236 -22.28 -4.39 3.87
C VAL A 236 -22.17 -3.89 2.44
N ILE A 237 -22.34 -2.59 2.27
CA ILE A 237 -22.23 -1.96 0.95
C ILE A 237 -20.90 -1.23 0.81
N ILE A 238 -20.02 -1.78 -0.01
CA ILE A 238 -18.72 -1.16 -0.29
C ILE A 238 -18.99 -0.39 -1.56
N SER A 239 -19.08 0.92 -1.45
CA SER A 239 -19.38 1.79 -2.57
C SER A 239 -18.16 2.49 -3.18
N ASP A 240 -17.82 2.11 -4.40
CA ASP A 240 -16.66 2.67 -5.13
C ASP A 240 -17.09 3.92 -5.87
N GLU A 241 -16.85 5.07 -5.25
CA GLU A 241 -17.21 6.33 -5.82
C GLU A 241 -16.05 7.24 -6.18
N VAL A 242 -14.99 6.66 -6.74
CA VAL A 242 -13.84 7.44 -7.13
C VAL A 242 -14.16 8.49 -8.19
N TYR A 243 -15.17 8.23 -9.01
CA TYR A 243 -15.51 9.20 -10.04
C TYR A 243 -16.67 10.09 -9.57
N GLU A 244 -16.85 10.16 -8.25
CA GLU A 244 -17.91 10.96 -7.65
C GLU A 244 -18.02 12.39 -8.18
N HIS A 245 -16.89 13.00 -8.53
CA HIS A 245 -16.90 14.37 -9.02
C HIS A 245 -17.12 14.47 -10.52
N LEU A 246 -16.91 13.35 -11.22
CA LEU A 246 -17.05 13.30 -12.66
C LEU A 246 -18.38 12.73 -13.15
N TYR A 247 -19.45 13.52 -13.00
CA TYR A 247 -20.80 13.12 -13.43
C TYR A 247 -21.38 14.24 -14.27
N PHE A 248 -22.23 13.88 -15.23
CA PHE A 248 -22.84 14.87 -16.12
C PHE A 248 -24.35 14.93 -16.01
N THR A 249 -24.87 14.28 -14.96
CA THR A 249 -26.30 14.26 -14.72
C THR A 249 -26.60 15.41 -13.77
N ASP A 250 -27.87 15.74 -13.58
CA ASP A 250 -28.21 16.84 -12.69
C ASP A 250 -27.65 16.61 -11.30
N SER A 251 -27.58 15.35 -10.90
CA SER A 251 -27.08 15.05 -9.57
C SER A 251 -26.36 13.71 -9.49
N PHE A 252 -25.56 13.56 -8.44
CA PHE A 252 -24.85 12.30 -8.21
C PHE A 252 -25.31 11.86 -6.82
N THR A 253 -25.91 10.69 -6.77
CA THR A 253 -26.42 10.20 -5.49
C THR A 253 -25.51 9.20 -4.80
N ARG A 254 -25.26 9.48 -3.53
CA ARG A 254 -24.43 8.62 -2.72
C ARG A 254 -25.37 7.70 -1.96
N ILE A 255 -25.26 6.40 -2.24
CA ILE A 255 -26.12 5.40 -1.60
C ILE A 255 -26.10 5.49 -0.06
N ALA A 256 -24.98 5.92 0.52
CA ALA A 256 -24.88 6.00 1.96
C ALA A 256 -25.77 7.09 2.59
N THR A 257 -26.10 8.10 1.81
CA THR A 257 -26.91 9.22 2.29
C THR A 257 -28.41 9.01 2.04
N LEU A 258 -28.78 7.79 1.65
CA LEU A 258 -30.17 7.49 1.34
C LEU A 258 -31.13 7.21 2.51
N SER A 259 -30.71 6.40 3.47
CA SER A 259 -31.58 6.10 4.61
C SER A 259 -30.76 5.49 5.75
N PRO A 260 -30.74 6.17 6.90
CA PRO A 260 -30.01 5.80 8.12
C PRO A 260 -29.49 4.36 8.23
N GLU A 261 -30.35 3.40 7.93
CA GLU A 261 -29.99 1.98 8.00
C GLU A 261 -28.98 1.60 6.93
N ILE A 262 -29.13 2.16 5.73
CA ILE A 262 -28.21 1.90 4.63
C ILE A 262 -26.85 2.49 4.95
N GLY A 263 -26.86 3.73 5.44
CA GLY A 263 -25.63 4.42 5.81
C GLY A 263 -24.83 3.67 6.85
N GLN A 264 -25.52 2.98 7.74
CA GLN A 264 -24.86 2.21 8.80
C GLN A 264 -24.21 0.95 8.27
N LEU A 265 -24.49 0.61 7.02
CA LEU A 265 -23.90 -0.57 6.40
C LEU A 265 -23.06 -0.21 5.16
N THR A 266 -22.82 1.08 4.96
CA THR A 266 -22.06 1.52 3.80
C THR A 266 -20.66 2.09 4.05
N LEU A 267 -19.69 1.59 3.29
CA LEU A 267 -18.32 2.10 3.37
C LEU A 267 -18.13 2.69 1.98
N THR A 268 -17.96 4.00 1.93
CA THR A 268 -17.83 4.71 0.67
C THR A 268 -16.37 5.12 0.41
N VAL A 269 -15.83 4.67 -0.72
CA VAL A 269 -14.44 4.95 -1.08
C VAL A 269 -14.30 6.09 -2.06
N GLY A 270 -13.26 6.91 -1.88
CA GLY A 270 -12.98 8.01 -2.80
C GLY A 270 -11.50 7.98 -3.23
N SER A 271 -11.17 8.70 -4.30
CA SER A 271 -9.79 8.75 -4.81
C SER A 271 -9.25 10.16 -5.08
N ALA A 272 -8.15 10.53 -4.44
CA ALA A 272 -7.50 11.83 -4.69
C ALA A 272 -6.97 11.85 -6.10
N GLY A 273 -6.42 10.71 -6.54
CA GLY A 273 -5.87 10.62 -7.89
C GLY A 273 -6.90 10.87 -8.99
N1 LLP A 274 -12.27 1.97 -8.76
C2 LLP A 274 -12.46 2.41 -10.01
C2' LLP A 274 -13.82 2.18 -10.67
C3 LLP A 274 -11.45 3.13 -10.66
O3 LLP A 274 -11.57 3.40 -11.98
C4 LLP A 274 -10.27 3.41 -9.97
C4' LLP A 274 -9.42 4.43 -10.37
C5 LLP A 274 -10.08 2.89 -8.70
C6 LLP A 274 -11.14 2.17 -8.11
C5' LLP A 274 -8.78 2.95 -7.89
OP4 LLP A 274 -8.39 4.32 -7.70
P LLP A 274 -6.92 4.62 -7.11
OP1 LLP A 274 -7.16 5.73 -6.16
OP2 LLP A 274 -5.86 5.23 -8.15
OP3 LLP A 274 -6.46 3.40 -6.17
N LLP A 274 -8.07 10.23 -8.91
CA LLP A 274 -9.09 10.46 -9.92
CB LLP A 274 -10.07 9.28 -9.84
CG LLP A 274 -9.63 7.84 -10.12
CD LLP A 274 -9.04 7.55 -11.50
CE LLP A 274 -8.54 6.12 -11.84
NZ LLP A 274 -9.48 5.03 -11.55
C LLP A 274 -9.75 11.84 -9.74
O LLP A 274 -10.23 12.41 -10.72
N SER A 275 -9.75 12.39 -8.53
CA SER A 275 -10.36 13.70 -8.28
C SER A 275 -9.46 14.84 -8.75
N PHE A 276 -8.15 14.70 -8.52
CA PHE A 276 -7.24 15.76 -8.90
C PHE A 276 -6.34 15.43 -10.07
N ALA A 277 -6.74 14.45 -10.87
CA ALA A 277 -5.95 14.05 -12.04
C ALA A 277 -4.50 13.82 -11.66
N ALA A 278 -4.28 13.05 -10.59
CA ALA A 278 -2.96 12.72 -10.09
C ALA A 278 -2.96 11.28 -9.66
N THR A 279 -3.32 10.40 -10.61
CA THR A 279 -3.39 8.97 -10.32
C THR A 279 -2.15 8.38 -9.66
N GLY A 280 -0.98 9.00 -9.88
CA GLY A 280 0.22 8.48 -9.26
C GLY A 280 0.43 8.89 -7.81
N TRP A 281 -0.51 9.66 -7.23
CA TRP A 281 -0.34 10.07 -5.84
C TRP A 281 -0.60 8.96 -4.81
N ARG A 282 -1.55 8.08 -5.08
CA ARG A 282 -1.89 6.95 -4.21
C ARG A 282 -2.41 7.42 -2.84
N ILE A 283 -3.46 8.24 -2.87
CA ILE A 283 -4.10 8.76 -1.65
C ILE A 283 -5.59 8.51 -1.92
N GLY A 284 -6.24 7.86 -0.96
CA GLY A 284 -7.66 7.60 -1.09
C GLY A 284 -8.32 7.70 0.29
N TRP A 285 -9.59 7.39 0.38
CA TRP A 285 -10.24 7.47 1.69
C TRP A 285 -11.52 6.68 1.71
N VAL A 286 -11.89 6.24 2.91
CA VAL A 286 -13.11 5.47 3.09
C VAL A 286 -13.91 6.16 4.19
N LEU A 287 -15.17 6.47 3.90
CA LEU A 287 -16.03 7.10 4.89
C LEU A 287 -17.16 6.19 5.27
N SER A 288 -17.63 6.34 6.50
CA SER A 288 -18.77 5.57 6.95
C SER A 288 -19.42 6.19 8.16
N LEU A 289 -20.75 6.14 8.19
CA LEU A 289 -21.48 6.67 9.32
C LEU A 289 -21.33 5.69 10.49
N ASN A 290 -21.08 4.43 10.15
CA ASN A 290 -20.91 3.36 11.15
C ASN A 290 -19.43 3.23 11.46
N ALA A 291 -18.98 3.98 12.46
CA ALA A 291 -17.58 3.99 12.86
C ALA A 291 -16.96 2.64 13.20
N GLU A 292 -17.77 1.68 13.68
CA GLU A 292 -17.23 0.37 14.04
C GLU A 292 -16.96 -0.42 12.77
N LEU A 293 -17.85 -0.26 11.80
CA LEU A 293 -17.70 -0.93 10.51
C LEU A 293 -16.37 -0.44 9.90
N LEU A 294 -16.15 0.87 9.97
CA LEU A 294 -14.96 1.53 9.40
C LEU A 294 -13.65 1.15 10.10
N SER A 295 -13.72 0.96 11.41
CA SER A 295 -12.56 0.60 12.21
C SER A 295 -11.91 -0.67 11.66
N TYR A 296 -12.72 -1.54 11.07
CA TYR A 296 -12.20 -2.78 10.52
C TYR A 296 -11.37 -2.55 9.25
N ALA A 297 -11.79 -1.60 8.42
CA ALA A 297 -11.05 -1.27 7.20
C ALA A 297 -9.76 -0.56 7.63
N ALA A 298 -9.88 0.31 8.64
CA ALA A 298 -8.76 1.06 9.18
C ALA A 298 -7.68 0.15 9.76
N LYS A 299 -8.10 -0.86 10.55
CA LYS A 299 -7.16 -1.78 11.17
C LYS A 299 -6.44 -2.62 10.10
N ALA A 300 -7.17 -2.96 9.03
CA ALA A 300 -6.64 -3.76 7.93
C ALA A 300 -5.60 -2.91 7.19
N HIS A 301 -5.93 -1.64 6.94
CA HIS A 301 -5.02 -0.71 6.28
C HIS A 301 -3.73 -0.63 7.07
N THR A 302 -3.83 -0.56 8.40
CA THR A 302 -2.64 -0.51 9.24
C THR A 302 -1.73 -1.73 9.03
N ARG A 303 -2.33 -2.90 8.84
CA ARG A 303 -1.58 -4.12 8.65
C ARG A 303 -1.11 -4.31 7.22
N ILE A 304 -1.70 -3.60 6.28
CA ILE A 304 -1.31 -3.75 4.88
C ILE A 304 -0.22 -2.74 4.53
N CYS A 305 -0.53 -1.46 4.72
CA CYS A 305 0.39 -0.38 4.37
C CYS A 305 0.98 0.40 5.54
N PHE A 306 0.29 0.32 6.67
CA PHE A 306 0.62 1.02 7.92
C PHE A 306 0.17 2.47 7.90
N ALA A 307 0.79 3.27 7.03
CA ALA A 307 0.43 4.68 6.89
C ALA A 307 0.55 5.07 5.40
N SER A 308 -0.24 6.06 4.97
CA SER A 308 -0.23 6.51 3.59
C SER A 308 0.74 7.65 3.38
N PRO A 309 1.24 7.83 2.14
CA PRO A 309 2.21 8.90 1.80
C PRO A 309 1.90 10.23 2.51
N SER A 310 2.81 10.70 3.36
CA SER A 310 2.58 11.93 4.12
C SER A 310 2.54 13.25 3.36
N PRO A 311 3.56 13.56 2.56
CA PRO A 311 3.57 14.83 1.81
C PRO A 311 2.36 15.00 0.91
N LEU A 312 1.87 13.91 0.32
CA LEU A 312 0.72 13.98 -0.57
C LEU A 312 -0.59 14.07 0.20
N GLN A 313 -0.62 13.58 1.43
CA GLN A 313 -1.83 13.70 2.24
C GLN A 313 -2.04 15.18 2.55
N GLU A 314 -0.96 15.86 2.93
CA GLU A 314 -1.01 17.28 3.24
C GLU A 314 -1.38 18.07 1.99
N ALA A 315 -0.79 17.73 0.84
CA ALA A 315 -1.11 18.40 -0.43
C ALA A 315 -2.61 18.25 -0.71
N CYS A 316 -3.12 17.04 -0.54
CA CYS A 316 -4.53 16.75 -0.77
C CYS A 316 -5.45 17.52 0.20
N ALA A 317 -5.06 17.62 1.45
CA ALA A 317 -5.88 18.34 2.44
C ALA A 317 -6.06 19.78 1.96
N ASN A 318 -4.96 20.41 1.58
CA ASN A 318 -5.00 21.78 1.09
C ASN A 318 -5.63 21.92 -0.27
N SER A 319 -5.43 20.93 -1.15
CA SER A 319 -6.02 20.98 -2.49
C SER A 319 -7.54 20.87 -2.48
N ILE A 320 -8.08 20.14 -1.52
CA ILE A 320 -9.53 20.00 -1.40
C ILE A 320 -10.06 21.42 -1.14
N ASN A 321 -9.44 22.12 -0.19
CA ASN A 321 -9.83 23.50 0.12
C ASN A 321 -9.62 24.42 -1.09
N ASP A 322 -8.46 24.34 -1.74
CA ASP A 322 -8.21 25.19 -2.92
C ASP A 322 -9.29 24.90 -3.96
N ALA A 323 -9.62 23.63 -4.12
CA ALA A 323 -10.62 23.18 -5.09
C ALA A 323 -12.01 23.74 -4.84
N LEU A 324 -12.46 23.73 -3.59
CA LEU A 324 -13.79 24.25 -3.26
C LEU A 324 -13.81 25.75 -3.51
N LYS A 325 -12.77 26.43 -3.03
CA LYS A 325 -12.65 27.88 -3.18
C LYS A 325 -12.68 28.38 -4.62
N ILE A 326 -12.22 27.58 -5.57
CA ILE A 326 -12.19 28.02 -6.96
C ILE A 326 -13.14 27.31 -7.93
N GLY A 327 -14.03 26.48 -7.41
CA GLY A 327 -14.96 25.76 -8.28
C GLY A 327 -14.30 24.80 -9.25
N TYR A 328 -13.19 24.21 -8.84
CA TYR A 328 -12.46 23.27 -9.69
C TYR A 328 -13.24 22.04 -10.16
N PHE A 329 -14.01 21.41 -9.28
CA PHE A 329 -14.75 20.23 -9.70
C PHE A 329 -15.79 20.51 -10.79
N GLU A 330 -16.50 21.62 -10.64
CA GLU A 330 -17.51 22.00 -11.63
C GLU A 330 -16.78 22.27 -12.96
N LYS A 331 -15.68 23.01 -12.90
CA LYS A 331 -14.89 23.32 -14.08
C LYS A 331 -14.39 22.04 -14.77
N MET A 332 -14.06 21.03 -13.99
CA MET A 332 -13.58 19.78 -14.55
C MET A 332 -14.73 19.03 -15.21
N ARG A 333 -15.92 19.11 -14.63
CA ARG A 333 -17.08 18.45 -15.20
C ARG A 333 -17.41 19.03 -16.57
N GLN A 334 -17.31 20.36 -16.69
CA GLN A 334 -17.58 21.03 -17.97
C GLN A 334 -16.51 20.66 -18.99
N GLU A 335 -15.26 20.58 -18.55
CA GLU A 335 -14.20 20.22 -19.46
C GLU A 335 -14.47 18.84 -20.03
N TYR A 336 -14.97 17.94 -19.21
CA TYR A 336 -15.24 16.61 -19.72
C TYR A 336 -16.52 16.53 -20.55
N ILE A 337 -17.48 17.44 -20.32
CA ILE A 337 -18.66 17.40 -21.16
C ILE A 337 -18.16 17.79 -22.54
N ASN A 338 -17.23 18.73 -22.58
CA ASN A 338 -16.68 19.17 -23.83
C ASN A 338 -15.95 18.05 -24.54
N LYS A 339 -15.04 17.38 -23.82
CA LYS A 339 -14.26 16.28 -24.37
C LYS A 339 -15.12 15.21 -25.02
N PHE A 340 -16.23 14.85 -24.39
CA PHE A 340 -17.10 13.83 -24.95
C PHE A 340 -17.86 14.35 -26.17
N LYS A 341 -18.13 15.65 -26.18
CA LYS A 341 -18.82 16.30 -27.28
C LYS A 341 -17.92 16.14 -28.49
N ILE A 342 -16.64 16.40 -28.29
CA ILE A 342 -15.66 16.28 -29.34
C ILE A 342 -15.56 14.82 -29.79
N PHE A 343 -15.38 13.92 -28.82
CA PHE A 343 -15.21 12.51 -29.13
C PHE A 343 -16.40 11.73 -29.67
N THR A 344 -17.53 11.74 -28.95
CA THR A 344 -18.70 10.99 -29.38
C THR A 344 -19.24 11.40 -30.74
N SER A 345 -18.88 12.59 -31.19
CA SER A 345 -19.38 13.12 -32.45
C SER A 345 -19.10 12.24 -33.66
N ILE A 346 -17.91 11.67 -33.74
CA ILE A 346 -17.61 10.86 -34.90
C ILE A 346 -18.42 9.57 -34.94
N PHE A 347 -18.86 9.09 -33.78
CA PHE A 347 -19.65 7.86 -33.72
C PHE A 347 -21.07 8.14 -34.14
N ASP A 348 -21.53 9.36 -33.88
CA ASP A 348 -22.87 9.76 -34.28
C ASP A 348 -22.84 9.86 -35.80
N GLU A 349 -21.72 10.34 -36.32
CA GLU A 349 -21.52 10.50 -37.75
C GLU A 349 -21.36 9.14 -38.45
N LEU A 350 -20.51 8.30 -37.90
CA LEU A 350 -20.26 6.97 -38.47
C LEU A 350 -21.46 6.02 -38.38
N GLY A 351 -22.34 6.27 -37.41
CA GLY A 351 -23.51 5.42 -37.27
C GLY A 351 -23.38 4.37 -36.19
N LEU A 352 -22.26 4.38 -35.48
CA LEU A 352 -22.01 3.41 -34.40
C LEU A 352 -22.70 3.86 -33.13
N PRO A 353 -23.52 2.99 -32.53
CA PRO A 353 -24.21 3.38 -31.29
C PRO A 353 -23.22 3.30 -30.12
N TYR A 354 -23.53 4.01 -29.04
CA TYR A 354 -22.69 4.01 -27.85
C TYR A 354 -23.56 4.46 -26.69
N THR A 355 -23.15 4.15 -25.46
CA THR A 355 -23.92 4.58 -24.30
C THR A 355 -23.33 5.90 -23.84
N ALA A 356 -24.06 6.99 -24.05
CA ALA A 356 -23.59 8.30 -23.63
C ALA A 356 -23.22 8.15 -22.16
N PRO A 357 -22.02 8.62 -21.79
CA PRO A 357 -21.56 8.53 -20.40
C PRO A 357 -22.37 9.42 -19.50
N GLU A 358 -22.75 8.90 -18.33
CA GLU A 358 -23.47 9.72 -17.37
C GLU A 358 -22.42 10.28 -16.41
N GLY A 359 -21.24 9.68 -16.43
CA GLY A 359 -20.13 10.08 -15.59
C GLY A 359 -18.86 9.36 -16.04
N THR A 360 -17.74 9.66 -15.41
CA THR A 360 -16.41 9.09 -15.72
C THR A 360 -15.89 9.64 -17.04
N TYR A 361 -14.70 9.18 -17.47
CA TYR A 361 -14.15 9.60 -18.75
C TYR A 361 -14.06 8.39 -19.69
N PHE A 362 -14.93 7.41 -19.44
CA PHE A 362 -15.01 6.19 -20.25
C PHE A 362 -16.28 6.16 -21.09
N VAL A 363 -16.17 5.60 -22.29
CA VAL A 363 -17.32 5.45 -23.16
C VAL A 363 -17.31 4.09 -23.89
N LEU A 364 -18.45 3.39 -23.83
CA LEU A 364 -18.61 2.08 -24.46
C LEU A 364 -19.26 2.26 -25.83
N VAL A 365 -18.55 1.89 -26.88
CA VAL A 365 -19.01 2.03 -28.25
C VAL A 365 -19.26 0.66 -28.88
N ASP A 366 -20.42 0.50 -29.52
CA ASP A 366 -20.73 -0.77 -30.17
C ASP A 366 -20.12 -0.79 -31.56
N PHE A 367 -19.25 -1.78 -31.79
CA PHE A 367 -18.55 -1.94 -33.05
C PHE A 367 -19.08 -3.12 -33.88
N SER A 368 -20.25 -3.63 -33.52
CA SER A 368 -20.83 -4.76 -34.23
C SER A 368 -21.01 -4.48 -35.72
N LYS A 369 -21.47 -3.28 -36.05
CA LYS A 369 -21.69 -2.89 -37.43
C LYS A 369 -20.42 -2.76 -38.26
N VAL A 370 -19.25 -2.88 -37.65
CA VAL A 370 -17.99 -2.74 -38.39
C VAL A 370 -17.60 -4.02 -39.13
N LYS A 371 -17.53 -3.91 -40.45
CA LYS A 371 -17.18 -5.02 -41.34
C LYS A 371 -15.71 -5.37 -41.36
N ILE A 372 -15.32 -6.42 -40.64
CA ILE A 372 -13.92 -6.85 -40.60
C ILE A 372 -13.80 -8.17 -41.36
N PRO A 373 -12.80 -8.30 -42.26
CA PRO A 373 -12.61 -9.53 -43.03
C PRO A 373 -12.85 -10.78 -42.18
N GLU A 374 -13.88 -11.55 -42.52
CA GLU A 374 -14.23 -12.76 -41.79
C GLU A 374 -13.01 -13.69 -41.61
N ASP A 375 -11.93 -13.39 -42.32
CA ASP A 375 -10.71 -14.19 -42.25
C ASP A 375 -9.51 -13.35 -41.82
N TYR A 376 -9.73 -12.32 -41.03
CA TYR A 376 -8.63 -11.48 -40.58
C TYR A 376 -7.75 -12.30 -39.65
N PRO A 377 -6.42 -12.20 -39.81
CA PRO A 377 -5.42 -12.92 -39.00
C PRO A 377 -5.23 -12.43 -37.55
N TYR A 378 -5.72 -13.22 -36.60
CA TYR A 378 -5.61 -12.89 -35.18
C TYR A 378 -4.66 -13.85 -34.46
N PRO A 379 -4.04 -13.39 -33.36
CA PRO A 379 -3.09 -14.20 -32.59
C PRO A 379 -3.78 -15.42 -31.96
N GLU A 380 -3.04 -16.50 -31.77
CA GLU A 380 -3.62 -17.70 -31.18
C GLU A 380 -4.13 -17.38 -29.79
N GLU A 381 -3.54 -16.37 -29.17
CA GLU A 381 -3.92 -15.98 -27.81
C GLU A 381 -5.31 -15.36 -27.64
N ILE A 382 -5.92 -14.88 -28.72
CA ILE A 382 -7.24 -14.26 -28.57
C ILE A 382 -8.42 -14.92 -29.30
N LEU A 383 -8.21 -16.09 -29.91
CA LEU A 383 -9.29 -16.77 -30.63
C LEU A 383 -10.30 -17.29 -29.62
N ASN A 384 -9.79 -17.61 -28.44
CA ASN A 384 -10.56 -18.11 -27.32
C ASN A 384 -11.43 -17.00 -26.74
N LYS A 385 -10.90 -15.78 -26.77
CA LYS A 385 -11.56 -14.58 -26.25
C LYS A 385 -12.86 -14.21 -26.95
N GLY A 386 -13.59 -13.29 -26.33
CA GLY A 386 -14.82 -12.80 -26.92
C GLY A 386 -14.49 -11.97 -28.15
N LYS A 387 -15.51 -11.59 -28.92
CA LYS A 387 -15.32 -10.82 -30.14
C LYS A 387 -14.52 -9.53 -29.97
N ASP A 388 -14.94 -8.68 -29.04
CA ASP A 388 -14.26 -7.42 -28.84
C ASP A 388 -12.72 -7.52 -28.80
N PHE A 389 -12.17 -8.60 -28.24
CA PHE A 389 -10.71 -8.75 -28.20
C PHE A 389 -10.11 -8.79 -29.61
N ARG A 390 -10.89 -9.28 -30.56
CA ARG A 390 -10.43 -9.35 -31.93
C ARG A 390 -10.70 -8.02 -32.63
N ILE A 391 -11.81 -7.37 -32.28
CA ILE A 391 -12.11 -6.07 -32.86
C ILE A 391 -11.00 -5.09 -32.43
N SER A 392 -10.71 -5.05 -31.13
CA SER A 392 -9.66 -4.17 -30.60
C SER A 392 -8.34 -4.44 -31.28
N HIS A 393 -8.06 -5.70 -31.57
CA HIS A 393 -6.82 -6.11 -32.22
C HIS A 393 -6.73 -5.58 -33.65
N TRP A 394 -7.84 -5.72 -34.37
CA TRP A 394 -7.94 -5.28 -35.76
C TRP A 394 -7.77 -3.76 -35.80
N LEU A 395 -8.53 -3.06 -34.96
CA LEU A 395 -8.50 -1.60 -34.88
C LEU A 395 -7.12 -1.05 -34.66
N ILE A 396 -6.32 -1.77 -33.87
CA ILE A 396 -4.96 -1.33 -33.57
C ILE A 396 -4.04 -1.52 -34.77
N ASN A 397 -4.11 -2.71 -35.38
CA ASN A 397 -3.29 -3.00 -36.53
C ASN A 397 -3.70 -2.19 -37.76
N GLU A 398 -5.01 -2.06 -37.97
CA GLU A 398 -5.52 -1.36 -39.14
C GLU A 398 -5.66 0.16 -39.07
N LEU A 399 -6.23 0.68 -37.98
CA LEU A 399 -6.40 2.12 -37.84
C LEU A 399 -5.38 2.75 -36.89
N GLY A 400 -4.69 1.92 -36.11
CA GLY A 400 -3.69 2.44 -35.19
C GLY A 400 -4.32 3.09 -33.98
N VAL A 401 -5.53 2.66 -33.62
CA VAL A 401 -6.22 3.22 -32.47
C VAL A 401 -6.35 2.11 -31.42
N VAL A 402 -5.95 2.41 -30.19
CA VAL A 402 -6.02 1.45 -29.09
C VAL A 402 -7.28 1.67 -28.28
N ALA A 403 -8.11 0.63 -28.17
CA ALA A 403 -9.34 0.69 -27.36
C ALA A 403 -9.34 -0.60 -26.55
N ILE A 404 -10.05 -0.61 -25.43
CA ILE A 404 -10.07 -1.79 -24.57
C ILE A 404 -11.31 -2.65 -24.67
N PRO A 405 -11.13 -3.98 -24.82
CA PRO A 405 -12.28 -4.89 -24.91
C PRO A 405 -12.85 -5.11 -23.51
N PRO A 406 -14.09 -4.66 -23.26
CA PRO A 406 -14.70 -4.84 -21.95
C PRO A 406 -15.09 -6.23 -21.46
N THR A 407 -15.08 -7.25 -22.32
CA THR A 407 -15.43 -8.57 -21.83
C THR A 407 -14.41 -9.11 -20.82
N GLU A 408 -13.30 -8.40 -20.65
CA GLU A 408 -12.28 -8.80 -19.69
C GLU A 408 -12.88 -8.62 -18.30
N PHE A 409 -13.83 -7.70 -18.19
CA PHE A 409 -14.48 -7.41 -16.92
C PHE A 409 -15.76 -8.22 -16.76
N TYR A 410 -15.77 -9.40 -17.37
CA TYR A 410 -16.91 -10.29 -17.31
C TYR A 410 -16.49 -11.72 -17.02
N ILE A 411 -17.48 -12.53 -16.65
CA ILE A 411 -17.28 -13.95 -16.42
C ILE A 411 -17.67 -14.46 -17.81
N LYS A 412 -16.88 -15.38 -18.38
CA LYS A 412 -17.15 -15.91 -19.71
C LYS A 412 -18.60 -16.17 -20.03
N GLU A 413 -19.29 -16.86 -19.12
CA GLU A 413 -20.69 -17.21 -19.31
C GLU A 413 -21.69 -16.04 -19.32
N HIS A 414 -21.27 -14.87 -18.84
CA HIS A 414 -22.13 -13.69 -18.80
C HIS A 414 -21.66 -12.64 -19.80
N GLU A 415 -20.57 -12.95 -20.48
CA GLU A 415 -19.88 -12.08 -21.42
C GLU A 415 -20.42 -11.76 -22.82
N LYS A 416 -21.37 -12.53 -23.34
CA LYS A 416 -21.83 -12.23 -24.69
C LYS A 416 -22.52 -10.89 -24.83
N ALA A 417 -23.15 -10.44 -23.76
CA ALA A 417 -23.87 -9.18 -23.78
C ALA A 417 -23.00 -7.94 -24.09
N ALA A 418 -21.70 -8.15 -24.36
CA ALA A 418 -20.84 -7.00 -24.62
C ALA A 418 -19.67 -7.34 -25.51
N GLU A 419 -19.73 -8.50 -26.15
CA GLU A 419 -18.62 -8.90 -27.00
C GLU A 419 -18.45 -7.99 -28.20
N ASN A 420 -19.35 -7.04 -28.39
CA ASN A 420 -19.28 -6.12 -29.52
C ASN A 420 -18.84 -4.71 -29.14
N LEU A 421 -18.69 -4.48 -27.84
CA LEU A 421 -18.32 -3.18 -27.35
C LEU A 421 -16.82 -2.94 -27.20
N LEU A 422 -16.46 -1.67 -27.20
CA LEU A 422 -15.08 -1.27 -27.00
C LEU A 422 -15.14 -0.12 -26.00
N ARG A 423 -14.15 -0.06 -25.12
CA ARG A 423 -14.07 0.99 -24.12
C ARG A 423 -13.04 2.04 -24.58
N PHE A 424 -13.45 3.29 -24.54
CA PHE A 424 -12.58 4.40 -24.91
C PHE A 424 -12.45 5.30 -23.70
N ALA A 425 -11.24 5.74 -23.42
CA ALA A 425 -10.99 6.62 -22.28
C ALA A 425 -10.58 7.99 -22.87
N VAL A 426 -11.35 9.03 -22.54
CA VAL A 426 -11.10 10.38 -23.07
C VAL A 426 -10.36 11.33 -22.13
N CYS A 427 -9.62 10.77 -21.18
CA CYS A 427 -8.87 11.57 -20.23
C CYS A 427 -7.56 12.06 -20.89
N LYS A 428 -7.69 12.80 -21.98
CA LYS A 428 -6.54 13.33 -22.73
C LYS A 428 -6.88 14.79 -23.03
N ASP A 429 -5.95 15.55 -23.59
CA ASP A 429 -6.35 16.92 -23.90
C ASP A 429 -7.17 16.96 -25.18
N ASP A 430 -7.99 17.98 -25.30
CA ASP A 430 -8.85 18.17 -26.47
C ASP A 430 -8.21 17.88 -27.83
N ALA A 431 -7.05 18.47 -28.10
CA ALA A 431 -6.37 18.28 -29.40
C ALA A 431 -6.13 16.82 -29.73
N TYR A 432 -5.72 16.05 -28.72
CA TYR A 432 -5.45 14.62 -28.89
C TYR A 432 -6.75 13.93 -29.28
N LEU A 433 -7.84 14.32 -28.65
CA LEU A 433 -9.14 13.73 -28.94
C LEU A 433 -9.58 14.06 -30.35
N GLU A 434 -9.39 15.30 -30.77
CA GLU A 434 -9.80 15.66 -32.12
C GLU A 434 -9.01 14.90 -33.17
N ASN A 435 -7.75 14.62 -32.91
CA ASN A 435 -6.94 13.87 -33.86
C ASN A 435 -7.37 12.40 -33.90
N ALA A 436 -7.93 11.92 -32.79
CA ALA A 436 -8.40 10.54 -32.72
C ALA A 436 -9.66 10.45 -33.58
N VAL A 437 -10.48 11.49 -33.50
CA VAL A 437 -11.71 11.56 -34.28
C VAL A 437 -11.40 11.53 -35.76
N GLU A 438 -10.32 12.20 -36.16
CA GLU A 438 -9.95 12.22 -37.57
C GLU A 438 -9.49 10.84 -38.01
N ARG A 439 -8.58 10.24 -37.25
CA ARG A 439 -8.07 8.90 -37.57
C ARG A 439 -9.20 7.89 -37.67
N LEU A 440 -10.19 8.02 -36.77
CA LEU A 440 -11.35 7.13 -36.71
C LEU A 440 -12.32 7.32 -37.87
N LYS A 441 -12.02 8.28 -38.74
CA LYS A 441 -12.88 8.53 -39.89
C LYS A 441 -12.62 7.41 -40.89
N LEU A 442 -11.47 6.76 -40.73
CA LEU A 442 -11.08 5.65 -41.60
C LEU A 442 -12.05 4.49 -41.41
N LEU A 443 -12.85 4.56 -40.35
CA LEU A 443 -13.82 3.52 -40.07
C LEU A 443 -14.98 3.56 -41.06
N LYS A 444 -14.83 4.40 -42.09
CA LYS A 444 -15.87 4.50 -43.10
C LYS A 444 -15.48 3.53 -44.21
N ASP A 445 -14.21 3.13 -44.22
CA ASP A 445 -13.74 2.16 -45.21
C ASP A 445 -14.18 0.75 -44.82
N TYR A 446 -15.07 0.67 -43.83
CA TYR A 446 -15.57 -0.62 -43.38
C TYR A 446 -17.03 -0.50 -42.95
N LEU A 447 -17.69 0.55 -43.45
CA LEU A 447 -19.09 0.86 -43.19
C LEU A 447 -19.36 0.87 -41.69
N PRO B 21 -25.54 -2.31 12.82
CA PRO B 21 -26.08 -3.68 12.75
C PRO B 21 -25.16 -4.68 13.41
N LYS B 22 -25.19 -5.93 12.93
CA LYS B 22 -24.35 -6.97 13.48
C LYS B 22 -23.64 -7.68 12.34
N VAL B 23 -22.53 -7.12 11.89
CA VAL B 23 -21.78 -7.74 10.80
C VAL B 23 -20.56 -8.45 11.36
N VAL B 24 -20.37 -9.69 10.94
CA VAL B 24 -19.22 -10.45 11.41
C VAL B 24 -17.99 -10.01 10.63
N ALA B 25 -17.12 -9.25 11.28
CA ALA B 25 -15.88 -8.78 10.64
C ALA B 25 -14.89 -9.93 10.59
N ASN B 26 -13.72 -9.69 10.00
CA ASN B 26 -12.68 -10.70 9.91
C ASN B 26 -12.37 -11.07 11.36
N LYS B 27 -12.43 -12.36 11.69
CA LYS B 27 -12.15 -12.79 13.05
C LYS B 27 -10.74 -12.42 13.50
N TYR B 28 -9.80 -12.34 12.56
CA TYR B 28 -8.42 -11.99 12.91
C TYR B 28 -8.35 -10.70 13.72
N PHE B 29 -9.19 -9.74 13.38
CA PHE B 29 -9.20 -8.48 14.09
C PHE B 29 -10.11 -8.52 15.31
N THR B 30 -11.24 -9.23 15.22
CA THR B 30 -12.15 -9.30 16.36
C THR B 30 -11.64 -10.20 17.47
N SER B 31 -10.63 -11.02 17.19
CA SER B 31 -10.08 -11.90 18.20
C SER B 31 -8.89 -11.26 18.93
N ASN B 32 -8.08 -10.49 18.21
CA ASN B 32 -6.91 -9.81 18.78
C ASN B 32 -7.38 -8.43 19.29
N THR B 33 -7.86 -8.38 20.52
CA THR B 33 -8.40 -7.12 21.05
C THR B 33 -7.47 -6.31 21.96
N ALA B 34 -6.54 -6.97 22.64
CA ALA B 34 -5.63 -6.28 23.55
C ALA B 34 -4.88 -5.07 22.99
N LYS B 35 -4.63 -4.09 23.89
CA LYS B 35 -3.90 -2.91 23.47
C LYS B 35 -2.40 -3.28 23.32
N ASP B 36 -1.79 -2.70 22.29
CA ASP B 36 -0.37 -2.93 22.02
C ASP B 36 0.50 -1.98 22.84
N VAL B 37 1.81 -2.12 22.68
CA VAL B 37 2.75 -1.28 23.42
C VAL B 37 2.55 0.24 23.18
N TRP B 38 2.28 0.63 21.94
CA TRP B 38 2.09 2.05 21.59
C TRP B 38 0.94 2.70 22.33
N SER B 39 -0.22 2.02 22.33
CA SER B 39 -1.39 2.54 23.01
C SER B 39 -1.11 2.71 24.51
N LEU B 40 -0.57 1.67 25.14
CA LEU B 40 -0.23 1.70 26.56
C LEU B 40 0.79 2.81 26.89
N THR B 41 1.87 2.87 26.13
CA THR B 41 2.90 3.88 26.38
C THR B 41 2.33 5.29 26.25
N ASN B 42 1.57 5.53 25.18
CA ASN B 42 0.99 6.84 24.94
C ASN B 42 0.07 7.24 26.08
N GLU B 43 -0.73 6.29 26.54
CA GLU B 43 -1.65 6.54 27.66
C GLU B 43 -0.88 6.93 28.91
N ALA B 44 0.12 6.13 29.26
CA ALA B 44 0.95 6.35 30.44
C ALA B 44 1.62 7.73 30.40
N ALA B 45 2.01 8.17 29.21
CA ALA B 45 2.65 9.48 29.06
C ALA B 45 1.60 10.56 29.27
N ALA B 46 0.35 10.25 28.91
CA ALA B 46 -0.76 11.20 29.05
C ALA B 46 -1.03 11.52 30.50
N LYS B 47 -1.38 10.51 31.29
CA LYS B 47 -1.64 10.70 32.72
C LYS B 47 -0.41 11.18 33.47
N ALA B 48 0.76 11.04 32.86
CA ALA B 48 2.00 11.44 33.51
C ALA B 48 2.42 12.87 33.24
N ALA B 49 1.90 13.45 32.16
CA ALA B 49 2.24 14.82 31.81
C ALA B 49 1.83 15.77 32.94
N ASN B 50 0.86 15.34 33.73
CA ASN B 50 0.34 16.12 34.85
C ASN B 50 1.29 16.04 36.04
N ASN B 51 1.28 14.90 36.73
CA ASN B 51 2.13 14.69 37.90
C ASN B 51 1.70 15.52 39.10
N ASN B 54 6.52 16.20 36.78
CA ASN B 54 6.67 16.50 35.35
C ASN B 54 5.97 17.80 34.94
N GLN B 55 5.15 18.37 35.81
CA GLN B 55 4.44 19.63 35.54
C GLN B 55 5.26 20.69 34.77
N GLY B 56 6.45 21.04 35.24
CA GLY B 56 7.23 22.04 34.53
C GLY B 56 8.28 21.39 33.63
N ARG B 57 8.23 20.07 33.54
CA ARG B 57 9.18 19.31 32.76
C ARG B 57 8.57 18.75 31.48
N GLU B 58 9.18 19.05 30.34
CA GLU B 58 8.68 18.51 29.08
C GLU B 58 9.07 17.03 29.09
N LEU B 59 8.35 16.18 28.38
CA LEU B 59 8.71 14.78 28.37
C LEU B 59 9.74 14.53 27.29
N ILE B 60 10.63 13.60 27.57
CA ILE B 60 11.64 13.27 26.59
C ILE B 60 11.22 11.95 25.98
N ASN B 61 10.84 12.02 24.71
CA ASN B 61 10.38 10.83 23.99
C ASN B 61 11.46 10.19 23.14
N LEU B 62 11.96 9.06 23.61
CA LEU B 62 12.98 8.33 22.85
C LEU B 62 12.35 7.02 22.41
N GLY B 63 11.02 7.01 22.44
CA GLY B 63 10.29 5.83 22.02
C GLY B 63 9.88 5.85 20.55
N GLN B 64 9.98 6.99 19.90
CA GLN B 64 9.58 7.07 18.50
C GLN B 64 10.66 6.49 17.59
N GLY B 65 10.27 5.51 16.77
CA GLY B 65 11.20 4.87 15.86
C GLY B 65 11.41 5.56 14.51
N PHE B 66 11.01 6.82 14.39
CA PHE B 66 11.19 7.55 13.14
C PHE B 66 11.81 8.92 13.39
N PHE B 67 12.53 9.41 12.39
CA PHE B 67 13.23 10.68 12.49
C PHE B 67 12.35 11.85 12.90
N SER B 68 12.96 12.77 13.64
CA SER B 68 12.30 13.98 14.15
C SER B 68 12.68 15.17 13.29
N TYR B 69 13.50 14.91 12.27
CA TYR B 69 13.96 15.96 11.37
C TYR B 69 13.65 15.69 9.91
N SER B 70 13.97 16.66 9.06
CA SER B 70 13.69 16.55 7.63
C SER B 70 14.68 15.71 6.86
N PRO B 71 14.24 15.14 5.72
CA PRO B 71 15.21 14.35 4.96
C PRO B 71 16.23 15.35 4.43
N PRO B 72 17.40 14.88 3.96
CA PRO B 72 18.40 15.81 3.45
C PRO B 72 17.81 16.78 2.43
N GLN B 73 18.30 18.00 2.44
CA GLN B 73 17.77 19.00 1.54
C GLN B 73 17.84 18.53 0.07
N PHE B 74 18.85 17.71 -0.26
CA PHE B 74 18.95 17.25 -1.65
C PHE B 74 17.78 16.36 -2.05
N ALA B 75 17.26 15.57 -1.11
CA ALA B 75 16.10 14.71 -1.39
C ALA B 75 14.85 15.59 -1.51
N ILE B 76 14.72 16.57 -0.62
CA ILE B 76 13.56 17.44 -0.65
C ILE B 76 13.46 18.11 -2.02
N LYS B 77 14.58 18.64 -2.48
CA LYS B 77 14.63 19.30 -3.78
C LYS B 77 14.33 18.36 -4.94
N GLU B 78 14.77 17.11 -4.87
CA GLU B 78 14.49 16.18 -5.96
C GLU B 78 12.99 15.92 -6.02
N ALA B 79 12.36 15.91 -4.84
CA ALA B 79 10.93 15.68 -4.71
C ALA B 79 10.11 16.85 -5.25
N GLN B 80 10.52 18.08 -4.96
CA GLN B 80 9.73 19.21 -5.47
C GLN B 80 9.86 19.33 -6.99
N LYS B 81 11.06 19.05 -7.49
CA LYS B 81 11.35 19.10 -8.91
C LYS B 81 10.55 18.02 -9.65
N ALA B 82 10.52 16.82 -9.08
CA ALA B 82 9.81 15.71 -9.68
C ALA B 82 8.34 16.03 -9.93
N LEU B 83 7.73 16.76 -9.00
CA LEU B 83 6.31 17.13 -9.13
C LEU B 83 6.01 18.00 -10.35
N ASP B 84 7.03 18.67 -10.90
CA ASP B 84 6.80 19.56 -12.05
C ASP B 84 6.74 18.87 -13.42
N ILE B 85 6.98 17.56 -13.43
CA ILE B 85 6.90 16.78 -14.66
C ILE B 85 5.51 16.12 -14.66
N PRO B 86 4.59 16.59 -15.50
CA PRO B 86 3.21 16.09 -15.61
C PRO B 86 2.94 14.58 -15.42
N MET B 87 3.51 13.77 -16.32
CA MET B 87 3.29 12.32 -16.25
C MET B 87 3.84 11.69 -15.01
N VAL B 88 4.78 12.35 -14.36
CA VAL B 88 5.35 11.81 -13.14
C VAL B 88 4.26 11.84 -12.05
N ASN B 89 3.12 12.49 -12.31
CA ASN B 89 2.03 12.53 -11.34
C ASN B 89 0.94 11.49 -11.61
N GLN B 90 1.13 10.67 -12.64
CA GLN B 90 0.16 9.64 -12.96
C GLN B 90 0.75 8.28 -12.55
N TYR B 91 -0.05 7.21 -12.63
CA TYR B 91 0.38 5.85 -12.29
C TYR B 91 1.75 5.52 -12.88
N SER B 92 2.58 4.86 -12.10
CA SER B 92 3.88 4.44 -12.62
C SER B 92 3.68 2.98 -13.03
N PRO B 93 4.63 2.41 -13.81
CA PRO B 93 4.47 1.00 -14.19
C PRO B 93 4.39 0.22 -12.88
N THR B 94 3.62 -0.86 -12.84
CA THR B 94 3.45 -1.59 -11.59
C THR B 94 4.73 -2.03 -10.85
N ARG B 95 5.78 -2.41 -11.58
CA ARG B 95 6.98 -2.82 -10.89
C ARG B 95 7.90 -1.68 -10.48
N GLY B 96 7.56 -0.45 -10.87
CA GLY B 96 8.38 0.69 -10.49
C GLY B 96 8.68 1.60 -11.69
N ARG B 97 9.02 2.86 -11.43
CA ARG B 97 9.36 3.75 -12.54
C ARG B 97 10.76 3.31 -13.02
N PRO B 98 10.97 3.22 -14.33
CA PRO B 98 12.29 2.80 -14.84
C PRO B 98 13.44 3.57 -14.21
N SER B 99 13.26 4.88 -14.03
CA SER B 99 14.28 5.72 -13.43
C SER B 99 14.77 5.15 -12.07
N LEU B 100 13.84 4.88 -11.17
CA LEU B 100 14.19 4.33 -9.86
C LEU B 100 14.79 2.93 -9.99
N ILE B 101 14.26 2.13 -10.91
CA ILE B 101 14.81 0.79 -11.08
C ILE B 101 16.26 0.92 -11.57
N ASN B 102 16.52 1.92 -12.41
CA ASN B 102 17.87 2.14 -12.95
C ASN B 102 18.85 2.55 -11.86
N SER B 103 18.42 3.45 -10.98
CA SER B 103 19.26 3.90 -9.88
C SER B 103 19.54 2.75 -8.93
N LEU B 104 18.54 1.91 -8.73
CA LEU B 104 18.70 0.76 -7.85
C LEU B 104 19.67 -0.26 -8.49
N ILE B 105 19.56 -0.46 -9.79
CA ILE B 105 20.45 -1.39 -10.50
C ILE B 105 21.88 -0.87 -10.40
N LYS B 106 22.04 0.45 -10.56
CA LYS B 106 23.33 1.11 -10.49
C LYS B 106 23.95 1.08 -9.10
N LEU B 107 23.09 1.18 -8.09
CA LEU B 107 23.53 1.16 -6.70
C LEU B 107 23.94 -0.23 -6.22
N TYR B 108 23.16 -1.24 -6.58
CA TYR B 108 23.45 -2.58 -6.10
C TYR B 108 24.28 -3.52 -7.00
N SER B 109 24.39 -3.24 -8.29
CA SER B 109 25.17 -4.14 -9.16
C SER B 109 26.58 -4.30 -8.58
N PRO B 110 27.24 -3.19 -8.17
CA PRO B 110 28.58 -3.37 -7.60
C PRO B 110 28.54 -4.14 -6.29
N ILE B 111 27.51 -3.87 -5.47
CA ILE B 111 27.36 -4.55 -4.21
C ILE B 111 27.17 -6.04 -4.46
N TYR B 112 26.30 -6.38 -5.40
CA TYR B 112 26.15 -7.78 -5.74
C TYR B 112 27.35 -7.94 -6.69
N ASN B 113 27.41 -8.96 -7.50
CA ASN B 113 28.57 -9.02 -8.37
C ASN B 113 28.03 -9.39 -9.72
N THR B 114 26.95 -8.73 -10.06
CA THR B 114 26.26 -9.00 -11.30
C THR B 114 25.78 -7.69 -11.89
N GLU B 115 25.53 -7.73 -13.19
CA GLU B 115 24.98 -6.57 -13.85
C GLU B 115 23.52 -6.92 -13.66
N LEU B 116 22.93 -6.30 -12.65
CA LEU B 116 21.52 -6.56 -12.32
C LEU B 116 20.61 -5.97 -13.38
N LYS B 117 19.48 -6.63 -13.63
CA LYS B 117 18.52 -6.11 -14.59
C LYS B 117 17.18 -5.79 -13.93
N ALA B 118 16.32 -5.12 -14.69
CA ALA B 118 15.01 -4.72 -14.20
C ALA B 118 14.33 -5.89 -13.50
N GLU B 119 14.45 -7.07 -14.10
CA GLU B 119 13.85 -8.27 -13.54
C GLU B 119 14.37 -8.66 -12.16
N ASN B 120 15.47 -8.04 -11.72
CA ASN B 120 15.98 -8.36 -10.38
C ASN B 120 15.58 -7.26 -9.38
N VAL B 121 14.82 -6.28 -9.85
CA VAL B 121 14.41 -5.15 -9.00
C VAL B 121 12.90 -4.91 -9.07
N THR B 122 12.29 -4.54 -7.94
CA THR B 122 10.86 -4.25 -7.95
C THR B 122 10.60 -3.24 -6.83
N VAL B 123 9.86 -2.20 -7.18
CA VAL B 123 9.56 -1.13 -6.23
C VAL B 123 8.24 -1.43 -5.51
N THR B 124 8.23 -1.21 -4.20
CA THR B 124 7.02 -1.44 -3.40
C THR B 124 6.68 -0.14 -2.60
N THR B 125 5.51 -0.12 -1.97
CA THR B 125 5.11 1.07 -1.24
C THR B 125 5.63 0.96 0.18
N GLY B 126 6.96 1.11 0.27
CA GLY B 126 7.65 1.02 1.52
C GLY B 126 8.07 -0.42 1.72
N ALA B 127 9.01 -0.61 2.63
CA ALA B 127 9.51 -1.93 2.92
C ALA B 127 8.46 -2.79 3.60
N ASN B 128 7.62 -2.21 4.47
CA ASN B 128 6.59 -3.02 5.13
C ASN B 128 5.67 -3.72 4.16
N GLU B 129 5.12 -2.95 3.22
CA GLU B 129 4.22 -3.54 2.24
C GLU B 129 5.03 -4.39 1.21
N GLY B 130 6.34 -4.15 1.11
CA GLY B 130 7.14 -4.97 0.20
C GLY B 130 7.36 -6.33 0.84
N ILE B 131 7.53 -6.35 2.17
CA ILE B 131 7.69 -7.61 2.88
C ILE B 131 6.36 -8.40 2.78
N LEU B 132 5.26 -7.66 2.87
CA LEU B 132 3.93 -8.24 2.77
C LEU B 132 3.76 -8.85 1.37
N SER B 133 4.22 -8.13 0.38
CA SER B 133 4.10 -8.61 -0.99
C SER B 133 4.85 -9.90 -1.16
N CYS B 134 6.02 -9.98 -0.55
CA CYS B 134 6.83 -11.19 -0.63
C CYS B 134 6.13 -12.38 -0.02
N LEU B 135 5.58 -12.17 1.17
CA LEU B 135 4.86 -13.22 1.86
C LEU B 135 3.61 -13.62 1.07
N MET B 136 2.85 -12.64 0.59
CA MET B 136 1.63 -12.99 -0.13
C MET B 136 1.93 -13.73 -1.44
N GLY B 137 3.05 -13.43 -2.08
CA GLY B 137 3.35 -14.15 -3.30
C GLY B 137 3.81 -15.59 -3.13
N LEU B 138 4.30 -15.93 -1.93
CA LEU B 138 4.83 -17.27 -1.66
C LEU B 138 4.01 -18.18 -0.75
N LEU B 139 3.13 -17.59 0.04
CA LEU B 139 2.39 -18.39 1.00
C LEU B 139 1.10 -19.06 0.59
N ASN B 140 0.92 -20.29 1.06
CA ASN B 140 -0.30 -21.07 0.86
C ASN B 140 -0.78 -21.39 2.27
N ALA B 141 -2.09 -21.57 2.42
CA ALA B 141 -2.69 -21.88 3.72
C ALA B 141 -1.92 -23.01 4.40
N GLY B 142 -1.54 -22.80 5.65
CA GLY B 142 -0.81 -23.82 6.37
C GLY B 142 0.70 -23.67 6.37
N ASP B 143 1.22 -22.87 5.44
CA ASP B 143 2.65 -22.64 5.35
C ASP B 143 3.14 -22.07 6.69
N GLU B 144 4.41 -22.24 6.98
CA GLU B 144 4.99 -21.70 8.20
C GLU B 144 6.07 -20.70 7.84
N VAL B 145 6.19 -19.66 8.65
CA VAL B 145 7.25 -18.69 8.41
C VAL B 145 7.93 -18.50 9.76
N ILE B 146 9.24 -18.62 9.75
CA ILE B 146 10.02 -18.48 10.97
C ILE B 146 10.48 -17.05 11.15
N VAL B 147 10.28 -16.50 12.35
CA VAL B 147 10.75 -15.16 12.61
C VAL B 147 11.66 -15.30 13.81
N PHE B 148 12.57 -14.36 13.97
CA PHE B 148 13.51 -14.34 15.07
C PHE B 148 13.13 -13.23 16.05
N GLU B 149 13.08 -13.56 17.33
CA GLU B 149 12.77 -12.61 18.38
C GLU B 149 14.08 -11.99 18.88
N PRO B 150 14.05 -10.69 19.20
CA PRO B 150 12.81 -9.88 19.07
C PRO B 150 12.51 -9.56 17.60
N PHE B 151 11.23 -9.70 17.22
CA PHE B 151 10.78 -9.47 15.86
C PHE B 151 10.22 -8.07 15.57
N PHE B 152 10.20 -7.71 14.28
CA PHE B 152 9.62 -6.44 13.87
C PHE B 152 8.11 -6.70 14.00
N ASP B 153 7.37 -5.76 14.59
CA ASP B 153 5.94 -5.97 14.82
C ASP B 153 5.05 -6.37 13.62
N GLN B 154 5.19 -5.66 12.53
CA GLN B 154 4.39 -5.88 11.34
C GLN B 154 4.56 -7.28 10.76
N TYR B 155 5.69 -7.95 11.03
CA TYR B 155 5.88 -9.29 10.49
C TYR B 155 4.75 -10.24 10.83
N ILE B 156 4.32 -10.23 12.10
CA ILE B 156 3.28 -11.17 12.52
C ILE B 156 1.97 -11.11 11.70
N PRO B 157 1.25 -9.96 11.71
CA PRO B 157 0.01 -9.91 10.91
C PRO B 157 0.28 -10.15 9.41
N ASN B 158 1.37 -9.62 8.90
CA ASN B 158 1.68 -9.81 7.48
C ASN B 158 1.70 -11.32 7.17
N ILE B 159 2.38 -12.09 8.00
CA ILE B 159 2.42 -13.54 7.82
C ILE B 159 1.04 -14.16 8.01
N GLU B 160 0.40 -13.85 9.14
CA GLU B 160 -0.90 -14.44 9.41
C GLU B 160 -2.04 -14.02 8.47
N LEU B 161 -2.06 -12.77 8.01
CA LEU B 161 -3.12 -12.35 7.10
C LEU B 161 -3.07 -13.05 5.75
N CYS B 162 -1.91 -13.59 5.43
CA CYS B 162 -1.69 -14.35 4.19
C CYS B 162 -1.88 -15.86 4.41
N GLY B 163 -2.40 -16.25 5.57
CA GLY B 163 -2.64 -17.66 5.87
C GLY B 163 -1.47 -18.41 6.50
N GLY B 164 -0.42 -17.67 6.85
CA GLY B 164 0.74 -18.30 7.44
C GLY B 164 0.62 -18.53 8.93
N LYS B 165 1.46 -19.45 9.41
CA LYS B 165 1.55 -19.78 10.83
C LYS B 165 2.97 -19.36 11.21
N VAL B 166 3.09 -18.46 12.18
CA VAL B 166 4.40 -17.99 12.59
C VAL B 166 5.07 -18.98 13.54
N VAL B 167 6.36 -19.19 13.32
CA VAL B 167 7.20 -20.07 14.13
C VAL B 167 8.30 -19.17 14.68
N TYR B 168 8.41 -19.16 16.00
CA TYR B 168 9.35 -18.29 16.70
C TYR B 168 10.65 -18.91 17.18
N VAL B 169 11.76 -18.31 16.82
CA VAL B 169 13.05 -18.78 17.31
C VAL B 169 13.76 -17.53 17.81
N PRO B 170 14.14 -17.53 19.09
CA PRO B 170 14.82 -16.35 19.63
C PRO B 170 16.27 -16.15 19.26
N ILE B 171 16.67 -14.89 19.27
CA ILE B 171 18.05 -14.50 19.07
C ILE B 171 18.44 -14.33 20.54
N ASN B 172 19.20 -15.30 21.04
CA ASN B 172 19.61 -15.31 22.44
C ASN B 172 20.63 -14.24 22.84
N PRO B 173 20.35 -13.51 23.93
CA PRO B 173 21.22 -12.45 24.43
C PRO B 173 22.40 -13.08 25.15
N PRO B 174 23.54 -12.35 25.23
CA PRO B 174 24.74 -12.86 25.91
C PRO B 174 24.41 -13.13 27.37
N LYS B 175 25.08 -14.08 28.01
CA LYS B 175 24.81 -14.36 29.42
C LYS B 175 25.29 -13.19 30.29
N GLU B 176 26.18 -12.36 29.75
CA GLU B 176 26.73 -11.22 30.49
C GLU B 176 25.88 -9.97 30.33
N LEU B 177 24.74 -10.11 29.64
CA LEU B 177 23.84 -9.00 29.37
C LEU B 177 23.72 -7.95 30.48
N ASP B 178 23.51 -8.36 31.71
CA ASP B 178 23.38 -7.30 32.72
C ASP B 178 24.53 -7.14 33.71
N GLN B 179 25.72 -7.53 33.28
CA GLN B 179 26.92 -7.39 34.12
C GLN B 179 27.81 -6.32 33.48
N ARG B 180 27.86 -6.32 32.15
CA ARG B 180 28.70 -5.39 31.41
C ARG B 180 28.12 -5.09 30.02
N ASN B 181 28.59 -4.01 29.40
CA ASN B 181 28.15 -3.70 28.08
C ASN B 181 28.49 -4.93 27.25
N THR B 182 27.66 -5.20 26.24
CA THR B 182 27.84 -6.35 25.39
C THR B 182 27.86 -5.89 23.94
N ARG B 183 28.08 -6.82 23.03
CA ARG B 183 28.13 -6.45 21.63
C ARG B 183 27.01 -7.16 20.89
N GLY B 184 26.66 -6.63 19.72
CA GLY B 184 25.60 -7.27 18.96
C GLY B 184 25.99 -8.70 18.63
N GLU B 185 27.28 -8.91 18.34
CA GLU B 185 27.78 -10.24 18.03
C GLU B 185 27.55 -11.24 19.14
N GLU B 186 27.34 -10.73 20.35
CA GLU B 186 27.11 -11.60 21.50
C GLU B 186 25.69 -12.14 21.58
N TRP B 187 24.77 -11.53 20.83
CA TRP B 187 23.39 -12.02 20.80
C TRP B 187 23.42 -13.03 19.66
N THR B 188 23.09 -14.27 19.96
CA THR B 188 23.13 -15.29 18.91
C THR B 188 21.92 -16.19 18.77
N ILE B 189 21.74 -16.66 17.55
CA ILE B 189 20.69 -17.58 17.24
C ILE B 189 21.23 -18.96 17.56
N ASP B 190 20.40 -19.83 18.11
CA ASP B 190 20.85 -21.19 18.38
C ASP B 190 20.41 -21.92 17.10
N PHE B 191 21.37 -22.08 16.18
CA PHE B 191 21.12 -22.70 14.88
C PHE B 191 20.66 -24.15 14.84
N GLU B 192 20.91 -24.92 15.89
CA GLU B 192 20.44 -26.29 15.92
C GLU B 192 18.96 -26.16 16.25
N GLN B 193 18.62 -25.22 17.14
CA GLN B 193 17.23 -25.02 17.49
C GLN B 193 16.49 -24.52 16.24
N PHE B 194 17.11 -23.59 15.53
CA PHE B 194 16.52 -23.03 14.32
C PHE B 194 16.23 -24.14 13.30
N GLU B 195 17.27 -24.86 12.88
CA GLU B 195 17.08 -25.92 11.89
C GLU B 195 16.06 -26.96 12.36
N LYS B 196 16.11 -27.26 13.64
CA LYS B 196 15.18 -28.23 14.18
C LYS B 196 13.74 -27.73 14.09
N ALA B 197 13.53 -26.42 13.92
CA ALA B 197 12.19 -25.85 13.82
C ALA B 197 11.64 -25.86 12.39
N ILE B 198 12.50 -26.19 11.44
CA ILE B 198 12.11 -26.26 10.03
C ILE B 198 11.35 -27.56 9.69
N THR B 199 10.18 -27.42 9.08
CA THR B 199 9.35 -28.55 8.67
C THR B 199 9.09 -28.46 7.17
N SER B 200 8.25 -29.35 6.65
CA SER B 200 7.92 -29.32 5.23
C SER B 200 6.97 -28.15 4.97
N LYS B 201 6.38 -27.63 6.04
CA LYS B 201 5.46 -26.50 5.95
C LYS B 201 6.17 -25.15 5.90
N THR B 202 7.45 -25.14 6.26
CA THR B 202 8.27 -23.93 6.28
C THR B 202 8.55 -23.31 4.91
N LYS B 203 7.91 -22.20 4.60
CA LYS B 203 8.10 -21.54 3.31
C LYS B 203 9.26 -20.56 3.28
N ALA B 204 9.40 -19.79 4.35
CA ALA B 204 10.43 -18.79 4.42
C ALA B 204 10.82 -18.45 5.84
N VAL B 205 11.92 -17.72 5.96
CA VAL B 205 12.42 -17.25 7.24
C VAL B 205 12.63 -15.75 7.05
N ILE B 206 12.34 -14.95 8.06
CA ILE B 206 12.59 -13.53 7.94
C ILE B 206 13.80 -13.20 8.80
N ILE B 207 14.82 -12.61 8.17
CA ILE B 207 16.04 -12.22 8.87
C ILE B 207 16.11 -10.70 8.73
N ASN B 208 16.33 -10.05 9.85
CA ASN B 208 16.38 -8.59 9.90
C ASN B 208 17.78 -8.18 10.31
N THR B 209 18.52 -7.61 9.37
CA THR B 209 19.88 -7.15 9.66
C THR B 209 20.12 -5.88 8.84
N PRO B 210 20.60 -4.80 9.50
CA PRO B 210 20.91 -4.66 10.93
C PRO B 210 19.58 -4.83 11.65
N HIS B 211 19.62 -5.47 12.81
CA HIS B 211 18.43 -5.79 13.58
C HIS B 211 17.73 -4.71 14.35
N ASN B 212 16.41 -4.74 14.32
CA ASN B 212 15.58 -3.79 15.05
C ASN B 212 14.93 -4.69 16.10
N PRO B 213 15.19 -4.45 17.39
CA PRO B 213 16.01 -3.41 18.01
C PRO B 213 17.38 -3.71 18.67
N ILE B 214 17.89 -4.94 18.57
CA ILE B 214 19.20 -5.20 19.17
C ILE B 214 20.26 -4.29 18.53
N GLY B 215 20.08 -3.99 17.26
CA GLY B 215 21.05 -3.16 16.56
C GLY B 215 22.13 -4.09 15.98
N LYS B 216 21.93 -5.39 16.15
CA LYS B 216 22.86 -6.43 15.68
C LYS B 216 23.09 -6.45 14.18
N VAL B 217 24.35 -6.53 13.79
CA VAL B 217 24.68 -6.62 12.37
C VAL B 217 25.16 -8.07 12.23
N PHE B 218 24.28 -8.94 11.73
CA PHE B 218 24.65 -10.32 11.57
C PHE B 218 25.94 -10.42 10.75
N THR B 219 26.86 -11.29 11.19
CA THR B 219 28.16 -11.43 10.55
C THR B 219 28.13 -12.31 9.32
N ARG B 220 29.24 -12.32 8.58
CA ARG B 220 29.33 -13.13 7.38
C ARG B 220 29.16 -14.59 7.75
N GLU B 221 29.70 -14.95 8.91
CA GLU B 221 29.62 -16.34 9.37
C GLU B 221 28.22 -16.72 9.84
N GLU B 222 27.56 -15.86 10.60
CA GLU B 222 26.22 -16.15 11.10
C GLU B 222 25.28 -16.33 9.91
N LEU B 223 25.40 -15.43 8.95
CA LEU B 223 24.58 -15.45 7.74
C LEU B 223 24.93 -16.59 6.80
N THR B 224 26.19 -17.03 6.82
CA THR B 224 26.57 -18.13 5.96
C THR B 224 25.88 -19.40 6.46
N THR B 225 25.95 -19.63 7.77
CA THR B 225 25.34 -20.82 8.33
C THR B 225 23.81 -20.77 8.22
N LEU B 226 23.22 -19.60 8.42
CA LEU B 226 21.77 -19.46 8.28
C LEU B 226 21.39 -19.82 6.83
N GLY B 227 22.07 -19.18 5.89
CA GLY B 227 21.80 -19.43 4.48
C GLY B 227 21.99 -20.87 4.06
N ASN B 228 23.10 -21.49 4.45
CA ASN B 228 23.32 -22.87 4.08
C ASN B 228 22.20 -23.77 4.58
N ILE B 229 21.65 -23.46 5.75
CA ILE B 229 20.56 -24.25 6.29
C ILE B 229 19.33 -24.09 5.40
N CYS B 230 19.11 -22.86 4.94
CA CYS B 230 17.95 -22.57 4.11
C CYS B 230 18.05 -23.24 2.75
N VAL B 231 19.22 -23.22 2.14
CA VAL B 231 19.38 -23.89 0.85
C VAL B 231 19.17 -25.39 1.06
N LYS B 232 19.64 -25.92 2.19
CA LYS B 232 19.49 -27.34 2.52
C LYS B 232 18.02 -27.78 2.62
N HIS B 233 17.19 -26.96 3.24
CA HIS B 233 15.76 -27.30 3.38
C HIS B 233 14.87 -26.58 2.35
N ASN B 234 15.51 -25.89 1.41
CA ASN B 234 14.80 -25.14 0.37
C ASN B 234 13.77 -24.19 1.03
N VAL B 235 14.29 -23.31 1.88
CA VAL B 235 13.50 -22.32 2.62
C VAL B 235 13.87 -20.92 2.11
N VAL B 236 12.87 -20.16 1.66
CA VAL B 236 13.08 -18.81 1.15
C VAL B 236 13.52 -17.88 2.27
N ILE B 237 14.50 -17.03 1.95
CA ILE B 237 15.06 -16.06 2.87
C ILE B 237 14.54 -14.68 2.55
N ILE B 238 13.84 -14.07 3.49
CA ILE B 238 13.33 -12.71 3.30
C ILE B 238 14.18 -11.86 4.21
N SER B 239 15.14 -11.18 3.61
CA SER B 239 16.08 -10.36 4.35
C SER B 239 15.62 -8.93 4.46
N ASP B 240 15.28 -8.52 5.67
CA ASP B 240 14.82 -7.14 5.94
C ASP B 240 16.07 -6.35 6.29
N GLU B 241 16.51 -5.55 5.33
CA GLU B 241 17.74 -4.76 5.45
C GLU B 241 17.49 -3.27 5.28
N VAL B 242 16.36 -2.80 5.80
CA VAL B 242 16.06 -1.39 5.67
C VAL B 242 17.15 -0.54 6.29
N TYR B 243 17.83 -1.05 7.31
CA TYR B 243 18.92 -0.31 7.95
C TYR B 243 20.30 -0.62 7.33
N GLU B 244 20.30 -1.12 6.10
CA GLU B 244 21.55 -1.46 5.38
C GLU B 244 22.60 -0.36 5.35
N HIS B 245 22.17 0.90 5.30
CA HIS B 245 23.10 2.02 5.26
C HIS B 245 23.51 2.52 6.64
N LEU B 246 22.80 2.08 7.67
CA LEU B 246 23.07 2.55 9.02
C LEU B 246 23.77 1.47 9.84
N TYR B 247 25.07 1.29 9.59
CA TYR B 247 25.87 0.31 10.31
C TYR B 247 27.18 0.95 10.75
N PHE B 248 27.74 0.43 11.83
CA PHE B 248 28.97 0.98 12.39
C PHE B 248 30.11 -0.05 12.37
N THR B 249 29.84 -1.21 11.78
CA THR B 249 30.83 -2.26 11.69
C THR B 249 31.72 -2.01 10.48
N ASP B 250 32.79 -2.77 10.34
CA ASP B 250 33.69 -2.58 9.20
C ASP B 250 32.93 -2.79 7.90
N SER B 251 32.15 -3.85 7.85
CA SER B 251 31.36 -4.17 6.67
C SER B 251 29.91 -4.49 7.06
N PHE B 252 29.05 -4.55 6.05
CA PHE B 252 27.65 -4.94 6.22
C PHE B 252 27.45 -6.08 5.24
N THR B 253 27.32 -7.30 5.75
CA THR B 253 27.14 -8.48 4.91
C THR B 253 25.69 -8.65 4.47
N ARG B 254 25.51 -8.81 3.17
CA ARG B 254 24.19 -9.02 2.59
C ARG B 254 24.16 -10.51 2.28
N ILE B 255 23.32 -11.23 3.01
CA ILE B 255 23.23 -12.67 2.86
C ILE B 255 23.08 -13.17 1.42
N ALA B 256 22.29 -12.45 0.61
CA ALA B 256 22.06 -12.85 -0.77
C ALA B 256 23.33 -12.89 -1.63
N THR B 257 24.41 -12.24 -1.18
CA THR B 257 25.67 -12.21 -1.92
C THR B 257 26.71 -13.23 -1.42
N LEU B 258 26.28 -14.16 -0.58
CA LEU B 258 27.17 -15.17 -0.01
C LEU B 258 27.48 -16.36 -0.91
N SER B 259 26.48 -16.87 -1.61
CA SER B 259 26.69 -17.99 -2.51
C SER B 259 25.57 -17.95 -3.52
N PRO B 260 25.82 -18.43 -4.73
CA PRO B 260 24.79 -18.43 -5.76
C PRO B 260 23.53 -19.15 -5.27
N GLU B 261 23.71 -20.24 -4.54
CA GLU B 261 22.58 -21.00 -4.03
C GLU B 261 21.78 -20.25 -2.96
N ILE B 262 22.47 -19.46 -2.15
CA ILE B 262 21.78 -18.69 -1.12
C ILE B 262 21.07 -17.53 -1.81
N GLY B 263 21.74 -16.92 -2.78
CA GLY B 263 21.15 -15.81 -3.51
C GLY B 263 19.87 -16.17 -4.25
N GLN B 264 19.77 -17.40 -4.72
CA GLN B 264 18.58 -17.84 -5.43
C GLN B 264 17.38 -18.07 -4.52
N LEU B 265 17.59 -18.14 -3.23
CA LEU B 265 16.48 -18.33 -2.30
C LEU B 265 16.18 -17.04 -1.50
N THR B 266 16.91 -15.98 -1.84
CA THR B 266 16.81 -14.71 -1.13
C THR B 266 16.09 -13.53 -1.79
N LEU B 267 15.27 -12.85 -0.99
CA LEU B 267 14.55 -11.65 -1.41
C LEU B 267 14.99 -10.58 -0.42
N THR B 268 15.66 -9.54 -0.90
CA THR B 268 16.16 -8.53 0.00
C THR B 268 15.37 -7.23 -0.09
N VAL B 269 14.98 -6.73 1.08
CA VAL B 269 14.17 -5.53 1.19
C VAL B 269 14.94 -4.31 1.63
N GLY B 270 14.61 -3.19 0.99
CA GLY B 270 15.25 -1.94 1.32
C GLY B 270 14.17 -0.91 1.56
N SER B 271 14.51 0.22 2.17
CA SER B 271 13.51 1.24 2.43
C SER B 271 13.99 2.65 2.15
N ALA B 272 13.33 3.37 1.24
CA ALA B 272 13.74 4.74 0.97
C ALA B 272 13.56 5.63 2.21
N GLY B 273 12.49 5.40 2.97
CA GLY B 273 12.23 6.20 4.16
C GLY B 273 13.28 6.04 5.23
N1 LLP B 274 11.42 -3.40 9.04
C2 LLP B 274 12.05 -2.74 10.03
C2' LLP B 274 12.92 -3.52 11.01
C3 LLP B 274 11.90 -1.35 10.15
O3 LLP B 274 12.46 -0.71 11.21
C4 LLP B 274 11.12 -0.68 9.22
C4' LLP B 274 11.17 0.72 9.11
C5 LLP B 274 10.46 -1.40 8.23
C6 LLP B 274 10.64 -2.78 8.18
C5' LLP B 274 9.45 -0.81 7.24
OP4 LLP B 274 10.00 0.26 6.46
P LLP B 274 8.99 1.25 5.70
OP1 LLP B 274 9.74 1.56 4.46
OP2 LLP B 274 8.73 2.69 6.36
OP3 LLP B 274 7.72 0.42 5.18
N LLP B 274 13.73 4.81 5.45
CA LLP B 274 14.78 4.59 6.45
CB LLP B 274 14.88 3.13 6.92
CG LLP B 274 13.62 2.78 7.73
CD LLP B 274 13.04 3.43 9.00
CE LLP B 274 11.79 2.94 9.77
NZ LLP B 274 11.78 1.48 10.00
C LLP B 274 16.16 5.02 5.90
O LLP B 274 17.00 5.45 6.68
N SER B 275 16.36 4.95 4.58
CA SER B 275 17.66 5.33 4.00
C SER B 275 17.82 6.85 3.92
N PHE B 276 16.76 7.55 3.50
CA PHE B 276 16.81 8.99 3.36
C PHE B 276 16.09 9.80 4.44
N ALA B 277 15.94 9.22 5.63
CA ALA B 277 15.26 9.92 6.72
C ALA B 277 13.95 10.52 6.23
N ALA B 278 13.12 9.69 5.60
CA ALA B 278 11.85 10.16 5.04
C ALA B 278 10.78 9.08 5.16
N THR B 279 10.50 8.69 6.38
CA THR B 279 9.53 7.63 6.67
C THR B 279 8.10 7.84 6.11
N GLY B 280 7.74 9.07 5.75
CA GLY B 280 6.41 9.32 5.20
C GLY B 280 6.32 9.18 3.67
N TRP B 281 7.43 8.84 3.01
CA TRP B 281 7.37 8.70 1.55
C TRP B 281 6.72 7.40 1.07
N ARG B 282 6.97 6.31 1.79
CA ARG B 282 6.41 5.00 1.50
C ARG B 282 6.89 4.44 0.15
N ILE B 283 8.22 4.37 0.00
CA ILE B 283 8.85 3.83 -1.21
C ILE B 283 9.87 2.83 -0.67
N GLY B 284 9.79 1.59 -1.13
CA GLY B 284 10.74 0.58 -0.75
C GLY B 284 11.07 -0.22 -1.99
N TRP B 285 11.82 -1.31 -1.84
CA TRP B 285 12.19 -2.14 -2.97
C TRP B 285 12.61 -3.52 -2.52
N VAL B 286 12.39 -4.50 -3.40
CA VAL B 286 12.78 -5.87 -3.11
C VAL B 286 13.68 -6.29 -4.29
N LEU B 287 14.84 -6.86 -3.99
CA LEU B 287 15.78 -7.33 -5.02
C LEU B 287 16.05 -8.81 -4.82
N SER B 288 16.37 -9.49 -5.92
CA SER B 288 16.70 -10.91 -5.91
C SER B 288 17.39 -11.34 -7.21
N LEU B 289 18.35 -12.25 -7.10
CA LEU B 289 19.05 -12.76 -8.28
C LEU B 289 18.14 -13.77 -8.93
N ASN B 290 17.12 -14.19 -8.19
CA ASN B 290 16.17 -15.15 -8.71
C ASN B 290 14.99 -14.35 -9.26
N ALA B 291 14.99 -14.13 -10.57
CA ALA B 291 13.93 -13.37 -11.22
C ALA B 291 12.53 -13.95 -11.03
N GLU B 292 12.40 -15.28 -11.09
CA GLU B 292 11.10 -15.91 -10.95
C GLU B 292 10.55 -15.80 -9.52
N LEU B 293 11.46 -15.91 -8.56
CA LEU B 293 11.12 -15.82 -7.16
C LEU B 293 10.59 -14.40 -6.93
N LEU B 294 11.33 -13.41 -7.43
CA LEU B 294 10.93 -12.02 -7.29
C LEU B 294 9.58 -11.70 -7.94
N SER B 295 9.32 -12.31 -9.10
CA SER B 295 8.07 -12.06 -9.83
C SER B 295 6.84 -12.30 -9.00
N TYR B 296 6.92 -13.23 -8.05
CA TYR B 296 5.77 -13.51 -7.19
C TYR B 296 5.54 -12.37 -6.21
N ALA B 297 6.62 -11.74 -5.76
CA ALA B 297 6.50 -10.62 -4.84
C ALA B 297 5.87 -9.47 -5.61
N ALA B 298 6.32 -9.30 -6.85
CA ALA B 298 5.83 -8.24 -7.72
C ALA B 298 4.35 -8.38 -8.06
N LYS B 299 3.90 -9.61 -8.28
CA LYS B 299 2.50 -9.87 -8.65
C LYS B 299 1.59 -9.54 -7.47
N ALA B 300 2.07 -9.86 -6.29
CA ALA B 300 1.32 -9.58 -5.08
C ALA B 300 1.18 -8.07 -4.92
N HIS B 301 2.29 -7.34 -5.08
CA HIS B 301 2.30 -5.89 -4.96
C HIS B 301 1.27 -5.27 -5.92
N THR B 302 1.25 -5.78 -7.15
CA THR B 302 0.30 -5.33 -8.17
C THR B 302 -1.15 -5.49 -7.66
N ARG B 303 -1.42 -6.59 -6.98
CA ARG B 303 -2.78 -6.85 -6.47
C ARG B 303 -3.06 -6.14 -5.15
N ILE B 304 -2.03 -5.74 -4.42
CA ILE B 304 -2.23 -5.05 -3.14
C ILE B 304 -2.38 -3.53 -3.31
N CYS B 305 -1.39 -2.89 -3.93
CA CYS B 305 -1.39 -1.42 -4.12
C CYS B 305 -1.36 -0.96 -5.58
N PHE B 306 -1.23 -1.91 -6.51
CA PHE B 306 -1.14 -1.64 -7.94
C PHE B 306 0.15 -0.92 -8.38
N ALA B 307 0.40 0.27 -7.84
CA ALA B 307 1.61 1.04 -8.17
C ALA B 307 1.96 1.93 -7.00
N SER B 308 3.26 2.16 -6.82
CA SER B 308 3.74 2.99 -5.73
C SER B 308 3.79 4.46 -6.13
N PRO B 309 3.70 5.38 -5.15
CA PRO B 309 3.71 6.83 -5.35
C PRO B 309 4.72 7.27 -6.42
N SER B 310 4.22 7.86 -7.51
CA SER B 310 5.09 8.26 -8.62
C SER B 310 6.06 9.42 -8.37
N PRO B 311 5.58 10.56 -7.86
CA PRO B 311 6.57 11.63 -7.65
C PRO B 311 7.71 11.21 -6.73
N LEU B 312 7.39 10.51 -5.64
CA LEU B 312 8.43 10.10 -4.71
C LEU B 312 9.39 9.03 -5.26
N GLN B 313 8.92 8.22 -6.20
CA GLN B 313 9.79 7.23 -6.83
C GLN B 313 10.85 8.00 -7.64
N GLU B 314 10.39 9.01 -8.37
CA GLU B 314 11.27 9.82 -9.19
C GLU B 314 12.23 10.57 -8.26
N ALA B 315 11.71 11.06 -7.14
CA ALA B 315 12.54 11.77 -6.17
C ALA B 315 13.58 10.81 -5.65
N CYS B 316 13.19 9.57 -5.40
CA CYS B 316 14.12 8.57 -4.91
C CYS B 316 15.16 8.19 -5.98
N ALA B 317 14.74 8.07 -7.22
CA ALA B 317 15.66 7.71 -8.32
C ALA B 317 16.85 8.67 -8.30
N ASN B 318 16.56 9.97 -8.30
CA ASN B 318 17.59 10.99 -8.30
C ASN B 318 18.35 11.14 -6.98
N SER B 319 17.65 11.01 -5.85
CA SER B 319 18.29 11.09 -4.54
C SER B 319 19.34 10.00 -4.38
N ILE B 320 19.09 8.83 -4.94
CA ILE B 320 20.06 7.76 -4.86
C ILE B 320 21.35 8.17 -5.61
N ASN B 321 21.21 8.82 -6.77
CA ASN B 321 22.37 9.27 -7.54
C ASN B 321 23.12 10.37 -6.82
N ASP B 322 22.37 11.27 -6.20
CA ASP B 322 22.98 12.37 -5.45
C ASP B 322 23.79 11.83 -4.27
N ALA B 323 23.20 10.88 -3.54
CA ALA B 323 23.83 10.30 -2.36
C ALA B 323 25.23 9.72 -2.62
N LEU B 324 25.38 9.04 -3.75
CA LEU B 324 26.67 8.44 -4.08
C LEU B 324 27.74 9.46 -4.42
N LYS B 325 27.31 10.58 -5.03
CA LYS B 325 28.26 11.62 -5.41
C LYS B 325 28.60 12.60 -4.28
N ILE B 326 28.01 12.42 -3.09
CA ILE B 326 28.33 13.33 -1.99
C ILE B 326 28.67 12.62 -0.68
N GLY B 327 28.67 11.29 -0.72
CA GLY B 327 28.99 10.50 0.47
C GLY B 327 27.94 10.58 1.58
N TYR B 328 26.70 10.85 1.20
CA TYR B 328 25.59 10.96 2.13
C TYR B 328 25.45 9.76 3.07
N PHE B 329 25.53 8.55 2.53
CA PHE B 329 25.41 7.40 3.40
C PHE B 329 26.53 7.33 4.43
N GLU B 330 27.74 7.71 4.04
CA GLU B 330 28.85 7.69 5.00
C GLU B 330 28.64 8.79 6.03
N LYS B 331 28.20 9.96 5.57
CA LYS B 331 27.94 11.11 6.42
C LYS B 331 26.89 10.78 7.51
N MET B 332 25.87 10.02 7.14
CA MET B 332 24.84 9.68 8.10
C MET B 332 25.36 8.66 9.10
N ARG B 333 26.22 7.74 8.65
CA ARG B 333 26.78 6.75 9.57
C ARG B 333 27.54 7.48 10.66
N GLN B 334 28.42 8.40 10.25
CA GLN B 334 29.21 9.15 11.21
C GLN B 334 28.34 9.94 12.15
N GLU B 335 27.29 10.54 11.61
CA GLU B 335 26.37 11.35 12.39
C GLU B 335 25.72 10.49 13.48
N TYR B 336 25.44 9.23 13.15
CA TYR B 336 24.82 8.35 14.14
C TYR B 336 25.82 7.76 15.12
N ILE B 337 27.06 7.59 14.67
CA ILE B 337 28.09 7.10 15.58
C ILE B 337 28.19 8.16 16.71
N ASN B 338 28.11 9.43 16.31
CA ASN B 338 28.19 10.55 17.24
C ASN B 338 26.96 10.60 18.15
N LYS B 339 25.77 10.41 17.57
CA LYS B 339 24.55 10.45 18.36
C LYS B 339 24.61 9.42 19.50
N PHE B 340 25.11 8.23 19.21
CA PHE B 340 25.21 7.18 20.22
C PHE B 340 26.29 7.53 21.23
N LYS B 341 27.41 8.05 20.75
CA LYS B 341 28.49 8.44 21.63
C LYS B 341 27.90 9.42 22.67
N ILE B 342 27.10 10.36 22.21
CA ILE B 342 26.47 11.33 23.11
C ILE B 342 25.54 10.63 24.09
N PHE B 343 24.58 9.89 23.52
CA PHE B 343 23.58 9.19 24.30
C PHE B 343 24.05 8.08 25.23
N THR B 344 24.81 7.10 24.71
CA THR B 344 25.21 5.98 25.58
C THR B 344 26.11 6.36 26.73
N SER B 345 26.86 7.46 26.56
CA SER B 345 27.79 7.89 27.59
C SER B 345 27.15 7.99 28.98
N ILE B 346 25.87 8.31 29.03
CA ILE B 346 25.24 8.41 30.34
C ILE B 346 25.08 7.03 31.00
N PHE B 347 24.79 6.02 30.20
CA PHE B 347 24.63 4.68 30.76
C PHE B 347 25.98 4.16 31.24
N ASP B 348 27.06 4.59 30.59
CA ASP B 348 28.37 4.16 31.03
C ASP B 348 28.65 4.79 32.39
N GLU B 349 28.34 6.08 32.53
CA GLU B 349 28.55 6.79 33.79
C GLU B 349 27.65 6.30 34.92
N LEU B 350 26.42 5.89 34.58
CA LEU B 350 25.47 5.39 35.58
C LEU B 350 25.72 3.94 35.96
N GLY B 351 26.48 3.22 35.13
CA GLY B 351 26.76 1.82 35.43
C GLY B 351 25.66 0.89 34.93
N LEU B 352 24.86 1.34 33.97
CA LEU B 352 23.79 0.51 33.39
C LEU B 352 24.32 -0.08 32.08
N PRO B 353 24.46 -1.42 32.00
CA PRO B 353 24.94 -2.13 30.81
C PRO B 353 23.99 -2.03 29.63
N TYR B 354 24.54 -1.99 28.43
CA TYR B 354 23.74 -1.95 27.20
C TYR B 354 24.46 -2.69 26.10
N THR B 355 23.73 -3.04 25.05
CA THR B 355 24.35 -3.71 23.92
C THR B 355 24.69 -2.62 22.94
N ALA B 356 25.98 -2.34 22.80
CA ALA B 356 26.39 -1.30 21.88
C ALA B 356 25.78 -1.67 20.55
N PRO B 357 25.17 -0.71 19.85
CA PRO B 357 24.56 -1.02 18.56
C PRO B 357 25.63 -1.21 17.50
N GLU B 358 25.41 -2.16 16.60
CA GLU B 358 26.33 -2.40 15.50
C GLU B 358 25.72 -1.72 14.28
N GLY B 359 24.45 -1.34 14.42
CA GLY B 359 23.71 -0.68 13.36
C GLY B 359 22.35 -0.16 13.88
N THR B 360 21.57 0.48 13.01
CA THR B 360 20.27 1.07 13.34
C THR B 360 20.42 2.24 14.30
N TYR B 361 19.30 2.84 14.69
CA TYR B 361 19.39 3.93 15.63
C TYR B 361 18.72 3.52 16.93
N PHE B 362 18.61 2.21 17.13
CA PHE B 362 18.04 1.67 18.36
C PHE B 362 19.14 1.17 19.30
N VAL B 363 18.85 1.21 20.58
CA VAL B 363 19.77 0.70 21.58
C VAL B 363 18.98 0.10 22.72
N LEU B 364 19.41 -1.09 23.13
CA LEU B 364 18.82 -1.84 24.23
C LEU B 364 19.69 -1.62 25.47
N VAL B 365 19.07 -1.14 26.55
CA VAL B 365 19.76 -0.85 27.80
C VAL B 365 19.13 -1.65 28.93
N ASP B 366 19.98 -2.27 29.75
CA ASP B 366 19.51 -3.09 30.88
C ASP B 366 19.17 -2.24 32.10
N PHE B 367 17.92 -2.33 32.56
CA PHE B 367 17.50 -1.56 33.71
C PHE B 367 17.33 -2.42 34.95
N SER B 368 17.91 -3.62 34.97
CA SER B 368 17.75 -4.50 36.14
C SER B 368 18.35 -3.93 37.43
N LYS B 369 19.37 -3.07 37.31
CA LYS B 369 20.01 -2.48 38.49
C LYS B 369 19.20 -1.36 39.15
N VAL B 370 18.33 -0.71 38.39
CA VAL B 370 17.53 0.39 38.95
C VAL B 370 16.61 -0.05 40.05
N LYS B 371 16.77 0.59 41.20
CA LYS B 371 16.01 0.32 42.40
C LYS B 371 14.58 0.86 42.35
N ILE B 372 13.69 0.21 41.61
CA ILE B 372 12.32 0.68 41.58
C ILE B 372 11.59 0.10 42.80
N PRO B 373 10.95 0.96 43.60
CA PRO B 373 10.22 0.50 44.80
C PRO B 373 9.38 -0.74 44.50
N GLU B 374 9.55 -1.78 45.31
CA GLU B 374 8.80 -3.01 45.08
C GLU B 374 7.29 -2.90 45.23
N ASP B 375 6.81 -1.80 45.79
CA ASP B 375 5.38 -1.63 45.92
C ASP B 375 4.87 -0.49 45.03
N TYR B 376 5.70 -0.06 44.08
CA TYR B 376 5.31 1.03 43.16
C TYR B 376 4.03 0.61 42.45
N PRO B 377 3.04 1.53 42.34
CA PRO B 377 1.75 1.25 41.69
C PRO B 377 1.78 1.25 40.17
N TYR B 378 1.15 0.24 39.57
CA TYR B 378 1.08 0.12 38.12
C TYR B 378 -0.34 -0.23 37.74
N PRO B 379 -0.81 0.29 36.59
CA PRO B 379 -2.17 0.02 36.12
C PRO B 379 -2.40 -1.48 35.97
N GLU B 380 -3.61 -1.93 36.26
CA GLU B 380 -3.92 -3.35 36.15
C GLU B 380 -3.48 -3.88 34.78
N GLU B 381 -3.67 -3.05 33.76
CA GLU B 381 -3.34 -3.40 32.39
C GLU B 381 -1.95 -4.01 32.18
N ILE B 382 -0.96 -3.60 32.96
CA ILE B 382 0.39 -4.13 32.77
C ILE B 382 0.94 -5.06 33.85
N LEU B 383 0.09 -5.52 34.77
CA LEU B 383 0.56 -6.41 35.82
C LEU B 383 0.94 -7.77 35.27
N ASN B 384 0.31 -8.14 34.16
CA ASN B 384 0.58 -9.42 33.51
C ASN B 384 1.75 -9.34 32.51
N LYS B 385 2.09 -8.11 32.11
CA LYS B 385 3.17 -7.86 31.15
C LYS B 385 4.57 -8.21 31.64
N GLY B 386 5.49 -8.34 30.71
CA GLY B 386 6.86 -8.62 31.11
C GLY B 386 7.26 -7.47 32.02
N LYS B 387 8.31 -7.68 32.81
CA LYS B 387 8.80 -6.67 33.73
C LYS B 387 9.12 -5.31 33.06
N ASP B 388 9.74 -5.35 31.89
CA ASP B 388 10.12 -4.13 31.20
C ASP B 388 8.98 -3.14 30.98
N PHE B 389 7.75 -3.63 30.92
CA PHE B 389 6.60 -2.75 30.74
C PHE B 389 6.42 -1.89 31.97
N ARG B 390 6.68 -2.47 33.13
CA ARG B 390 6.54 -1.70 34.36
C ARG B 390 7.72 -0.77 34.51
N ILE B 391 8.90 -1.22 34.09
CA ILE B 391 10.07 -0.36 34.20
C ILE B 391 9.85 0.86 33.30
N SER B 392 9.23 0.64 32.14
CA SER B 392 8.95 1.75 31.23
C SER B 392 7.95 2.70 31.88
N HIS B 393 6.88 2.13 32.43
CA HIS B 393 5.85 2.94 33.12
C HIS B 393 6.52 3.85 34.16
N TRP B 394 7.27 3.24 35.08
CA TRP B 394 7.99 3.98 36.12
C TRP B 394 8.89 5.09 35.56
N LEU B 395 9.63 4.77 34.51
CA LEU B 395 10.53 5.75 33.94
C LEU B 395 9.79 6.98 33.43
N ILE B 396 8.64 6.76 32.81
CA ILE B 396 7.83 7.87 32.32
C ILE B 396 7.32 8.71 33.51
N ASN B 397 6.79 8.04 34.53
CA ASN B 397 6.26 8.77 35.68
C ASN B 397 7.31 9.50 36.50
N GLU B 398 8.35 8.80 36.92
CA GLU B 398 9.40 9.36 37.75
C GLU B 398 10.45 10.24 37.07
N LEU B 399 10.78 9.96 35.81
CA LEU B 399 11.77 10.81 35.13
C LEU B 399 11.24 11.53 33.89
N GLY B 400 10.04 11.21 33.44
CA GLY B 400 9.52 11.85 32.23
C GLY B 400 10.29 11.43 30.98
N VAL B 401 10.75 10.19 30.91
CA VAL B 401 11.49 9.71 29.73
C VAL B 401 10.74 8.52 29.15
N VAL B 402 10.47 8.56 27.85
CA VAL B 402 9.74 7.49 27.17
C VAL B 402 10.68 6.53 26.47
N ALA B 403 10.55 5.26 26.83
CA ALA B 403 11.32 4.18 26.23
C ALA B 403 10.35 3.03 26.03
N ILE B 404 10.65 2.15 25.09
CA ILE B 404 9.74 1.04 24.78
C ILE B 404 10.18 -0.31 25.32
N PRO B 405 9.25 -1.07 25.93
CA PRO B 405 9.53 -2.41 26.47
C PRO B 405 9.59 -3.37 25.29
N PRO B 406 10.78 -3.92 24.99
CA PRO B 406 10.92 -4.84 23.87
C PRO B 406 10.20 -6.19 24.00
N THR B 407 9.68 -6.52 25.18
CA THR B 407 8.98 -7.78 25.34
C THR B 407 7.75 -7.80 24.45
N GLU B 408 7.38 -6.65 23.92
CA GLU B 408 6.25 -6.54 23.00
C GLU B 408 6.62 -7.33 21.74
N PHE B 409 7.90 -7.45 21.48
CA PHE B 409 8.34 -8.12 20.27
C PHE B 409 8.78 -9.55 20.49
N TYR B 410 8.15 -10.18 21.47
CA TYR B 410 8.43 -11.56 21.84
C TYR B 410 7.10 -12.27 22.05
N ILE B 411 7.14 -13.59 21.99
CA ILE B 411 5.96 -14.39 22.28
C ILE B 411 6.18 -14.60 23.80
N LYS B 412 5.10 -14.69 24.57
CA LYS B 412 5.20 -14.83 26.01
C LYS B 412 6.22 -15.86 26.54
N GLU B 413 6.20 -17.07 25.99
CA GLU B 413 7.11 -18.14 26.43
C GLU B 413 8.60 -17.94 26.20
N HIS B 414 8.97 -16.88 25.48
CA HIS B 414 10.38 -16.59 25.21
C HIS B 414 10.75 -15.22 25.74
N GLU B 415 9.74 -14.54 26.24
CA GLU B 415 9.83 -13.19 26.75
C GLU B 415 10.87 -12.87 27.83
N LYS B 416 10.98 -13.74 28.82
CA LYS B 416 11.90 -13.51 29.94
C LYS B 416 13.26 -12.93 29.62
N ALA B 417 13.93 -13.50 28.63
CA ALA B 417 15.26 -13.05 28.25
C ALA B 417 15.43 -11.54 28.06
N ALA B 418 14.36 -10.82 27.75
CA ALA B 418 14.47 -9.37 27.55
C ALA B 418 13.63 -8.54 28.51
N GLU B 419 13.06 -9.20 29.52
CA GLU B 419 12.20 -8.52 30.48
C GLU B 419 12.80 -7.35 31.25
N ASN B 420 14.13 -7.21 31.24
CA ASN B 420 14.80 -6.11 31.97
C ASN B 420 15.31 -4.98 31.06
N LEU B 421 15.12 -5.14 29.76
CA LEU B 421 15.57 -4.16 28.79
C LEU B 421 14.55 -3.10 28.43
N LEU B 422 15.06 -1.97 27.97
CA LEU B 422 14.25 -0.85 27.47
C LEU B 422 14.92 -0.43 26.18
N ARG B 423 14.10 -0.21 25.15
CA ARG B 423 14.57 0.24 23.84
C ARG B 423 14.52 1.75 23.72
N PHE B 424 15.64 2.32 23.28
CA PHE B 424 15.70 3.76 23.06
C PHE B 424 16.00 3.95 21.58
N ALA B 425 15.49 5.03 20.99
CA ALA B 425 15.72 5.34 19.57
C ALA B 425 16.32 6.75 19.50
N VAL B 426 17.56 6.85 19.03
CA VAL B 426 18.26 8.13 18.97
C VAL B 426 18.12 8.93 17.67
N CYS B 427 17.09 8.63 16.89
CA CYS B 427 16.87 9.35 15.66
C CYS B 427 16.26 10.73 15.96
N LYS B 428 16.94 11.47 16.83
CA LYS B 428 16.57 12.82 17.24
C LYS B 428 17.79 13.67 16.94
N ASP B 429 17.68 14.99 17.10
CA ASP B 429 18.84 15.84 16.86
C ASP B 429 19.74 15.82 18.10
N ASP B 430 21.03 16.11 17.92
CA ASP B 430 22.00 16.09 19.02
C ASP B 430 21.55 16.86 20.27
N ALA B 431 21.04 18.06 20.08
CA ALA B 431 20.60 18.87 21.22
C ALA B 431 19.58 18.14 22.07
N TYR B 432 18.60 17.52 21.41
CA TYR B 432 17.56 16.77 22.09
C TYR B 432 18.19 15.61 22.85
N LEU B 433 19.13 14.93 22.21
CA LEU B 433 19.80 13.80 22.83
C LEU B 433 20.57 14.25 24.08
N GLU B 434 21.30 15.36 23.97
CA GLU B 434 22.05 15.88 25.10
C GLU B 434 21.09 16.24 26.24
N ASN B 435 19.89 16.67 25.90
CA ASN B 435 18.90 17.02 26.91
C ASN B 435 18.35 15.73 27.54
N ALA B 436 18.31 14.66 26.76
CA ALA B 436 17.84 13.38 27.28
C ALA B 436 18.87 12.89 28.31
N VAL B 437 20.14 13.04 27.97
CA VAL B 437 21.25 12.61 28.83
C VAL B 437 21.21 13.31 30.18
N GLU B 438 20.89 14.61 30.18
CA GLU B 438 20.82 15.39 31.42
C GLU B 438 19.71 14.88 32.30
N ARG B 439 18.55 14.63 31.70
CA ARG B 439 17.42 14.12 32.46
C ARG B 439 17.70 12.74 33.03
N LEU B 440 18.39 11.91 32.25
CA LEU B 440 18.71 10.56 32.67
C LEU B 440 19.69 10.48 33.84
N LYS B 441 20.40 11.58 34.12
CA LYS B 441 21.31 11.59 35.27
C LYS B 441 20.52 11.36 36.55
N LEU B 442 19.22 11.67 36.52
CA LEU B 442 18.35 11.48 37.68
C LEU B 442 18.31 10.03 38.17
N LEU B 443 18.63 9.10 37.28
CA LEU B 443 18.63 7.68 37.64
C LEU B 443 19.68 7.38 38.73
N LYS B 444 20.61 8.30 38.92
CA LYS B 444 21.66 8.15 39.94
C LYS B 444 21.02 7.98 41.31
N ASP B 445 19.88 8.64 41.50
CA ASP B 445 19.19 8.60 42.77
C ASP B 445 18.52 7.26 43.01
N TYR B 446 18.47 6.43 41.96
CA TYR B 446 17.88 5.11 42.09
C TYR B 446 19.03 4.15 41.86
N LEU B 447 20.20 4.68 42.18
CA LEU B 447 21.50 4.04 42.12
C LEU B 447 21.90 3.54 40.74
#